data_1E5F
#
_entry.id   1E5F
#
_cell.length_a   88.258
_cell.length_b   88.258
_cell.length_c   217.849
_cell.angle_alpha   90.00
_cell.angle_beta   90.00
_cell.angle_gamma   120.00
#
_symmetry.space_group_name_H-M   'P 31 1 2'
#
loop_
_entity.id
_entity.type
_entity.pdbx_description
1 polymer 'METHIONINE GAMMA-LYASE'
2 non-polymer "PYRIDOXAL-5'-PHOSPHATE"
3 non-polymer 'SULFATE ION'
4 non-polymer GLYCEROL
5 water water
#
_entity_poly.entity_id   1
_entity_poly.type   'polypeptide(L)'
_entity_poly.pdbx_seq_one_letter_code
;MAHERMTPATACIHANPQKDQFGAAIPPIYQTSTFVFDNCQQGGNRFAGQESGYIYTRLGNPTVSNLEGKIAFLEKTEAC
VATSSGMGAIAATVLTILKAGDHLISDECLYGCTHALFEHALTKFGIQVDFINTAIPGEVKKHMKPNTKIVYFETPANPT
LKIIDMERVCKDAHSQEGVLVIADNTFCSPMITNPVDFGVDVVVHSATKYINGHTDVVAGLICGKADLLQQIRMVGIKDI
TGSVISPHDAWLITRGLSTLNIRMKAESENAMKVAEYLKSHPAVEKVYYPGFEDHEGHDIAKKQMRMYGSMITFILKSGF
EGAKKLLDNLKLITLAVSLGGCESLIQHPASMTHAVVPKEEREAAGITDGMIRLSVGIEDADELIADFKQGLDALLRSHH
HHHH
;
_entity_poly.pdbx_strand_id   A,B
#
loop_
_chem_comp.id
_chem_comp.type
_chem_comp.name
_chem_comp.formula
GOL non-polymer GLYCEROL 'C3 H8 O3'
PLP non-polymer PYRIDOXAL-5'-PHOSPHATE 'C8 H10 N O6 P'
SO4 non-polymer 'SULFATE ION' 'O4 S -2'
#
# COMPACT_ATOMS: atom_id res chain seq x y z
N GLU A 4 -9.51 9.62 -35.80
CA GLU A 4 -9.66 10.45 -34.56
C GLU A 4 -9.51 9.46 -33.38
N ARG A 5 -9.03 9.97 -32.25
CA ARG A 5 -8.89 9.16 -31.03
C ARG A 5 -10.22 8.67 -30.50
N MET A 6 -10.22 7.48 -29.93
CA MET A 6 -11.49 6.93 -29.32
C MET A 6 -12.00 7.99 -28.30
N THR A 7 -13.19 8.44 -28.33
CA THR A 7 -13.57 9.48 -27.36
C THR A 7 -13.56 8.92 -25.92
N PRO A 8 -13.43 9.85 -24.97
CA PRO A 8 -13.45 9.56 -23.52
C PRO A 8 -14.66 8.73 -23.12
N ALA A 9 -15.84 9.12 -23.56
CA ALA A 9 -17.11 8.47 -23.27
C ALA A 9 -17.18 7.00 -23.74
N THR A 10 -16.42 6.65 -24.79
CA THR A 10 -16.37 5.26 -25.23
C THR A 10 -15.23 4.53 -24.54
N ALA A 11 -14.15 5.28 -24.44
CA ALA A 11 -12.95 4.68 -23.87
C ALA A 11 -12.96 4.33 -22.41
N CYS A 12 -13.82 4.98 -21.64
CA CYS A 12 -13.82 4.54 -20.21
C CYS A 12 -14.44 3.16 -20.18
N ILE A 13 -15.18 2.67 -21.19
CA ILE A 13 -15.69 1.32 -21.27
C ILE A 13 -14.75 0.49 -22.13
N HIS A 14 -14.28 0.99 -23.29
CA HIS A 14 -13.55 0.10 -24.25
C HIS A 14 -12.05 0.34 -24.43
N ALA A 15 -11.39 1.36 -23.82
CA ALA A 15 -9.97 1.42 -24.10
C ALA A 15 -9.28 0.19 -23.53
N ASN A 16 -8.09 -0.20 -23.95
CA ASN A 16 -7.31 -1.29 -23.48
C ASN A 16 -8.15 -2.55 -23.30
N PRO A 17 -8.71 -3.00 -24.39
CA PRO A 17 -9.54 -4.22 -24.39
C PRO A 17 -8.68 -5.39 -24.04
N GLN A 18 -9.23 -6.31 -23.30
CA GLN A 18 -8.58 -7.53 -22.85
C GLN A 18 -8.78 -8.74 -23.73
N LYS A 19 -7.96 -9.79 -23.72
CA LYS A 19 -8.39 -10.92 -24.56
C LYS A 19 -8.62 -12.14 -23.66
N ASP A 20 -9.80 -12.51 -23.25
CA ASP A 20 -9.86 -13.59 -22.23
C ASP A 20 -10.01 -14.92 -22.96
N GLN A 21 -9.47 -16.03 -22.51
CA GLN A 21 -9.53 -17.24 -23.31
C GLN A 21 -10.99 -17.69 -23.52
N PHE A 22 -11.91 -17.37 -22.64
CA PHE A 22 -13.30 -17.89 -22.85
C PHE A 22 -14.15 -16.79 -23.47
N GLY A 23 -13.55 -15.62 -23.76
CA GLY A 23 -14.38 -14.54 -24.30
C GLY A 23 -15.27 -13.83 -23.24
N ALA A 24 -14.92 -13.95 -21.95
CA ALA A 24 -15.68 -13.34 -20.92
C ALA A 24 -15.93 -11.85 -21.26
N ALA A 25 -17.16 -11.43 -21.17
CA ALA A 25 -17.50 -10.03 -21.43
C ALA A 25 -16.84 -9.04 -20.48
N ILE A 26 -16.78 -9.40 -19.25
CA ILE A 26 -16.11 -8.68 -18.18
C ILE A 26 -14.91 -9.56 -17.76
N PRO A 27 -13.72 -9.15 -18.10
CA PRO A 27 -12.49 -9.86 -17.75
C PRO A 27 -12.50 -10.25 -16.27
N PRO A 28 -12.08 -11.47 -15.96
CA PRO A 28 -12.17 -12.06 -14.65
C PRO A 28 -11.32 -11.45 -13.55
N ILE A 29 -11.52 -11.79 -12.31
CA ILE A 29 -10.75 -11.20 -11.21
C ILE A 29 -9.50 -11.99 -10.89
N TYR A 30 -8.27 -11.57 -11.28
CA TYR A 30 -7.09 -12.37 -10.87
C TYR A 30 -6.81 -12.26 -9.43
N GLN A 31 -7.54 -12.82 -8.50
CA GLN A 31 -7.31 -12.77 -7.02
C GLN A 31 -6.43 -13.92 -6.65
N THR A 32 -5.14 -13.79 -7.13
CA THR A 32 -4.09 -14.80 -7.03
C THR A 32 -2.84 -14.01 -6.65
N SER A 33 -2.07 -14.40 -5.69
CA SER A 33 -0.81 -13.82 -5.29
C SER A 33 0.33 -14.15 -6.28
N THR A 34 0.21 -15.32 -6.95
CA THR A 34 1.44 -15.67 -7.73
C THR A 34 1.05 -16.44 -8.95
N PHE A 35 1.96 -16.63 -9.90
CA PHE A 35 1.77 -17.12 -11.21
C PHE A 35 2.71 -18.27 -11.52
N VAL A 36 2.20 -19.27 -12.15
CA VAL A 36 3.00 -20.50 -12.38
C VAL A 36 3.90 -20.39 -13.59
N PHE A 37 5.19 -20.72 -13.43
CA PHE A 37 6.02 -20.69 -14.63
C PHE A 37 5.76 -22.00 -15.34
N ASP A 38 5.65 -21.96 -16.66
CA ASP A 38 5.82 -23.13 -17.49
C ASP A 38 7.12 -23.94 -17.34
N ASN A 39 8.24 -23.25 -17.14
CA ASN A 39 9.55 -23.85 -16.91
C ASN A 39 10.49 -22.88 -16.17
N CYS A 40 11.66 -23.32 -15.63
CA CYS A 40 12.56 -22.46 -14.88
C CYS A 40 13.09 -21.31 -15.69
N GLN A 41 13.43 -21.59 -16.93
CA GLN A 41 13.92 -20.52 -17.83
C GLN A 41 12.98 -19.31 -17.96
N GLN A 42 11.71 -19.61 -18.24
CA GLN A 42 10.70 -18.54 -18.34
C GLN A 42 10.64 -17.72 -17.05
N GLY A 43 10.75 -18.36 -15.89
CA GLY A 43 10.79 -17.76 -14.58
C GLY A 43 11.97 -16.75 -14.53
N GLY A 44 13.19 -17.17 -14.83
CA GLY A 44 14.44 -16.36 -14.79
C GLY A 44 14.35 -15.22 -15.86
N ASN A 45 13.73 -15.57 -16.98
CA ASN A 45 13.56 -14.58 -18.01
C ASN A 45 12.64 -13.42 -17.59
N ARG A 46 11.50 -13.83 -17.02
CA ARG A 46 10.53 -12.87 -16.55
C ARG A 46 11.27 -12.03 -15.52
N PHE A 47 11.88 -12.67 -14.50
CA PHE A 47 12.58 -11.84 -13.48
C PHE A 47 13.64 -10.89 -14.05
N ALA A 48 14.31 -11.31 -15.09
CA ALA A 48 15.28 -10.46 -15.73
C ALA A 48 14.66 -9.49 -16.74
N GLY A 49 13.37 -9.32 -17.01
CA GLY A 49 12.87 -8.30 -17.91
C GLY A 49 13.10 -8.67 -19.36
N GLN A 50 13.31 -9.95 -19.60
CA GLN A 50 13.63 -10.37 -20.96
C GLN A 50 12.44 -11.02 -21.62
N GLU A 51 11.49 -11.34 -20.75
CA GLU A 51 10.25 -12.01 -21.28
C GLU A 51 9.02 -11.45 -20.58
N SER A 52 7.91 -11.26 -21.32
CA SER A 52 6.70 -10.72 -20.73
C SER A 52 6.01 -11.81 -19.91
N GLY A 53 4.86 -11.55 -19.31
CA GLY A 53 4.18 -12.48 -18.44
C GLY A 53 4.20 -11.94 -16.99
N TYR A 54 3.59 -12.72 -16.10
CA TYR A 54 3.35 -12.35 -14.72
C TYR A 54 4.12 -13.26 -13.78
N ILE A 55 4.34 -12.68 -12.62
CA ILE A 55 5.19 -13.37 -11.63
C ILE A 55 4.48 -13.40 -10.30
N TYR A 56 4.19 -12.19 -9.81
CA TYR A 56 3.77 -12.08 -8.42
C TYR A 56 2.96 -10.79 -8.25
N THR A 57 1.78 -10.89 -7.61
CA THR A 57 0.94 -9.65 -7.56
C THR A 57 1.50 -8.38 -6.98
N ARG A 58 2.60 -8.35 -6.22
CA ARG A 58 3.18 -7.11 -5.76
C ARG A 58 3.80 -6.52 -7.01
N LEU A 59 4.27 -7.29 -7.98
CA LEU A 59 4.97 -6.78 -9.15
C LEU A 59 4.09 -6.51 -10.36
N GLY A 60 2.92 -7.11 -10.54
CA GLY A 60 1.98 -6.82 -11.61
C GLY A 60 0.89 -7.94 -11.65
N ASN A 61 -0.35 -7.63 -12.16
CA ASN A 61 -1.36 -8.66 -12.13
C ASN A 61 -2.22 -8.28 -13.28
N PRO A 62 -2.79 -9.19 -14.02
CA PRO A 62 -3.58 -8.83 -15.24
C PRO A 62 -4.81 -8.01 -14.99
N THR A 63 -5.51 -8.20 -13.86
CA THR A 63 -6.69 -7.34 -13.61
C THR A 63 -6.18 -5.91 -13.39
N VAL A 64 -5.06 -5.69 -12.71
CA VAL A 64 -4.54 -4.35 -12.37
C VAL A 64 -3.90 -3.77 -13.68
N SER A 65 -3.28 -4.55 -14.61
CA SER A 65 -2.87 -4.02 -15.84
C SER A 65 -4.05 -3.52 -16.72
N ASN A 66 -5.14 -4.23 -16.72
CA ASN A 66 -6.28 -3.76 -17.44
C ASN A 66 -6.67 -2.40 -16.92
N LEU A 67 -6.92 -2.20 -15.63
CA LEU A 67 -7.29 -0.87 -15.13
C LEU A 67 -6.15 0.11 -15.51
N GLU A 68 -4.87 -0.19 -15.28
CA GLU A 68 -3.80 0.68 -15.62
C GLU A 68 -3.82 1.20 -17.06
N GLY A 69 -4.11 0.38 -18.03
CA GLY A 69 -3.92 0.76 -19.44
C GLY A 69 -5.14 1.57 -19.85
N LYS A 70 -6.23 1.34 -19.19
CA LYS A 70 -7.44 2.10 -19.45
C LYS A 70 -7.25 3.52 -18.92
N ILE A 71 -6.70 3.73 -17.73
CA ILE A 71 -6.39 5.08 -17.19
C ILE A 71 -5.28 5.74 -18.02
N ALA A 72 -4.19 5.02 -18.35
CA ALA A 72 -3.11 5.62 -19.14
C ALA A 72 -3.70 6.12 -20.47
N PHE A 73 -4.55 5.35 -21.14
CA PHE A 73 -5.22 5.85 -22.32
C PHE A 73 -6.00 7.16 -22.07
N LEU A 74 -6.83 7.14 -21.01
CA LEU A 74 -7.70 8.33 -20.72
C LEU A 74 -6.88 9.55 -20.32
N GLU A 75 -5.69 9.47 -19.73
CA GLU A 75 -4.86 10.62 -19.37
C GLU A 75 -3.79 10.96 -20.44
N LYS A 76 -3.76 10.20 -21.47
CA LYS A 76 -2.85 10.29 -22.64
C LYS A 76 -1.47 10.04 -22.17
N THR A 77 -1.19 9.12 -21.27
CA THR A 77 0.18 8.93 -20.78
C THR A 77 0.72 7.62 -21.37
N GLU A 78 2.00 7.36 -21.34
CA GLU A 78 2.44 6.07 -21.89
C GLU A 78 2.15 4.91 -20.93
N ALA A 79 1.97 5.16 -19.63
CA ALA A 79 1.81 4.14 -18.66
C ALA A 79 1.05 4.67 -17.47
N CYS A 80 0.69 3.70 -16.62
CA CYS A 80 -0.01 3.99 -15.39
C CYS A 80 0.34 2.92 -14.42
N VAL A 81 0.51 3.22 -13.16
CA VAL A 81 0.73 2.32 -12.04
C VAL A 81 -0.39 2.57 -11.00
N ALA A 82 -1.09 1.49 -10.67
CA ALA A 82 -2.17 1.60 -9.68
C ALA A 82 -1.70 1.26 -8.32
N THR A 83 -2.27 1.86 -7.28
CA THR A 83 -1.79 1.65 -5.98
C THR A 83 -3.01 1.48 -5.04
N SER A 84 -2.64 1.15 -3.79
CA SER A 84 -3.68 0.87 -2.81
C SER A 84 -4.08 2.11 -2.02
N SER A 85 -3.79 3.33 -2.43
CA SER A 85 -4.38 4.55 -1.89
C SER A 85 -3.75 5.71 -2.69
N GLY A 86 -4.51 6.80 -2.71
CA GLY A 86 -3.96 8.02 -3.33
C GLY A 86 -2.67 8.38 -2.60
N MET A 87 -2.60 8.33 -1.22
CA MET A 87 -1.32 8.68 -0.64
C MET A 87 -0.18 7.82 -1.20
N GLY A 88 -0.54 6.49 -1.40
CA GLY A 88 0.50 5.56 -1.91
C GLY A 88 0.96 5.92 -3.30
N ALA A 89 0.06 6.41 -4.16
CA ALA A 89 0.51 6.87 -5.47
C ALA A 89 1.47 8.09 -5.38
N ILE A 90 1.11 9.05 -4.52
CA ILE A 90 1.94 10.21 -4.32
C ILE A 90 3.32 9.80 -3.70
N ALA A 91 3.29 9.01 -2.64
CA ALA A 91 4.48 8.65 -1.95
C ALA A 91 5.37 7.81 -2.83
N ALA A 92 4.75 6.90 -3.62
CA ALA A 92 5.67 5.99 -4.34
C ALA A 92 6.34 6.80 -5.43
N THR A 93 5.57 7.78 -5.92
CA THR A 93 6.07 8.67 -6.88
C THR A 93 7.20 9.57 -6.34
N VAL A 94 6.99 10.35 -5.29
CA VAL A 94 7.99 11.24 -4.85
C VAL A 94 9.10 10.46 -4.12
N LEU A 95 8.89 9.28 -3.51
CA LEU A 95 9.96 8.59 -2.88
C LEU A 95 10.86 7.85 -3.87
N THR A 96 10.40 7.62 -5.11
CA THR A 96 11.29 7.04 -6.07
C THR A 96 12.19 8.13 -6.68
N ILE A 97 11.60 9.29 -6.89
CA ILE A 97 12.32 10.40 -7.52
C ILE A 97 13.39 10.94 -6.55
N LEU A 98 12.93 11.51 -5.45
CA LEU A 98 13.86 12.17 -4.53
C LEU A 98 14.83 11.32 -3.77
N LYS A 99 15.89 11.96 -3.28
CA LYS A 99 16.88 11.37 -2.35
C LYS A 99 17.38 12.53 -1.48
N ALA A 100 17.71 12.25 -0.22
CA ALA A 100 18.26 13.24 0.68
C ALA A 100 19.10 14.33 -0.04
N GLY A 101 18.77 15.61 0.26
CA GLY A 101 19.59 16.52 -0.58
C GLY A 101 18.82 17.06 -1.75
N ASP A 102 17.76 16.35 -2.29
CA ASP A 102 17.04 17.04 -3.35
C ASP A 102 16.12 18.12 -2.77
N HIS A 103 15.55 18.89 -3.75
CA HIS A 103 14.64 19.96 -3.30
C HIS A 103 13.26 19.73 -3.90
N LEU A 104 12.26 20.09 -3.10
CA LEU A 104 10.91 19.95 -3.60
C LEU A 104 10.09 21.24 -3.50
N ILE A 105 9.42 21.67 -4.56
CA ILE A 105 8.55 22.84 -4.46
C ILE A 105 7.09 22.38 -4.57
N SER A 106 6.20 22.77 -3.72
CA SER A 106 4.82 22.44 -3.77
C SER A 106 3.92 23.64 -3.53
N ASP A 107 2.71 23.45 -3.99
CA ASP A 107 1.72 24.48 -3.78
C ASP A 107 1.37 24.25 -2.33
N GLU A 108 1.28 25.41 -1.69
CA GLU A 108 0.87 25.31 -0.30
C GLU A 108 -0.54 24.83 -0.11
N CYS A 109 -1.48 24.97 -1.09
CA CYS A 109 -2.81 24.49 -0.78
C CYS A 109 -2.94 23.09 -1.36
N LEU A 110 -2.92 22.08 -0.58
CA LEU A 110 -2.91 20.65 -0.85
C LEU A 110 -3.92 19.98 0.09
N TYR A 111 -4.28 18.82 -0.39
CA TYR A 111 -4.87 17.85 0.58
C TYR A 111 -4.06 17.90 1.90
N GLY A 112 -4.76 17.79 3.00
CA GLY A 112 -4.08 17.73 4.30
C GLY A 112 -2.95 16.72 4.40
N CYS A 113 -3.20 15.44 4.13
CA CYS A 113 -2.28 14.36 4.19
C CYS A 113 -1.10 14.49 3.26
N THR A 114 -1.25 15.02 2.09
CA THR A 114 -0.06 15.23 1.28
C THR A 114 0.89 16.28 1.85
N HIS A 115 0.27 17.34 2.42
CA HIS A 115 1.01 18.42 3.05
C HIS A 115 1.80 17.87 4.22
N ALA A 116 1.18 16.95 5.03
CA ALA A 116 1.99 16.39 6.09
C ALA A 116 3.12 15.56 5.59
N LEU A 117 2.86 14.74 4.57
CA LEU A 117 3.93 13.87 3.99
C LEU A 117 5.14 14.78 3.58
N PHE A 118 4.75 15.80 2.84
CA PHE A 118 5.76 16.72 2.34
C PHE A 118 6.40 17.58 3.39
N GLU A 119 5.76 18.02 4.50
CA GLU A 119 6.30 18.93 5.45
C GLU A 119 7.11 18.15 6.47
N HIS A 120 6.58 16.99 6.90
CA HIS A 120 7.12 16.16 7.91
C HIS A 120 7.94 14.95 7.48
N ALA A 121 7.37 14.13 6.60
CA ALA A 121 8.11 12.94 6.17
C ALA A 121 9.35 13.21 5.38
N LEU A 122 9.11 13.95 4.25
CA LEU A 122 10.15 14.29 3.29
C LEU A 122 11.35 14.94 4.05
N THR A 123 11.00 15.88 4.91
CA THR A 123 12.04 16.62 5.58
C THR A 123 12.82 15.84 6.60
N LYS A 124 12.34 14.76 7.19
CA LYS A 124 13.20 13.96 8.05
C LYS A 124 14.10 13.07 7.23
N PHE A 125 13.91 12.90 6.00
CA PHE A 125 14.64 12.12 5.00
C PHE A 125 15.67 12.94 4.33
N GLY A 126 15.84 14.24 4.72
CA GLY A 126 16.89 15.11 4.23
C GLY A 126 16.47 15.83 2.93
N ILE A 127 15.16 15.79 2.60
CA ILE A 127 14.73 16.43 1.37
C ILE A 127 14.44 17.87 1.74
N GLN A 128 14.75 18.86 0.90
CA GLN A 128 14.23 20.18 1.25
C GLN A 128 12.89 20.49 0.58
N VAL A 129 11.94 21.13 1.28
CA VAL A 129 10.67 21.42 0.74
C VAL A 129 10.27 22.89 0.90
N ASP A 130 9.75 23.65 -0.05
CA ASP A 130 9.09 24.91 0.24
C ASP A 130 7.65 24.87 -0.34
N PHE A 131 6.72 25.36 0.43
CA PHE A 131 5.37 25.51 0.10
C PHE A 131 5.10 26.92 -0.37
N ILE A 132 4.70 27.09 -1.62
CA ILE A 132 4.46 28.45 -2.15
C ILE A 132 3.13 28.63 -2.82
N ASN A 133 2.77 29.84 -3.32
CA ASN A 133 1.51 29.90 -4.11
C ASN A 133 1.92 29.74 -5.55
N THR A 134 1.82 28.55 -6.19
CA THR A 134 2.26 28.39 -7.56
C THR A 134 1.26 29.12 -8.43
N ALA A 135 0.08 29.49 -8.02
CA ALA A 135 -0.85 30.33 -8.76
C ALA A 135 -0.36 31.78 -8.98
N ILE A 136 0.62 32.28 -8.28
CA ILE A 136 1.18 33.65 -8.54
C ILE A 136 2.34 33.69 -9.49
N PRO A 137 2.24 34.42 -10.61
CA PRO A 137 3.31 34.59 -11.56
C PRO A 137 4.64 34.85 -10.90
N GLY A 138 5.70 34.23 -11.41
CA GLY A 138 7.00 34.24 -10.77
C GLY A 138 7.30 33.46 -9.53
N GLU A 139 6.35 33.03 -8.68
CA GLU A 139 6.82 32.30 -7.48
C GLU A 139 7.63 31.02 -7.74
N VAL A 140 7.30 30.26 -8.74
CA VAL A 140 7.98 29.04 -9.03
C VAL A 140 9.43 29.32 -9.40
N LYS A 141 9.67 30.13 -10.45
CA LYS A 141 11.04 30.42 -10.83
C LYS A 141 11.81 31.04 -9.68
N LYS A 142 11.18 31.91 -8.90
CA LYS A 142 11.99 32.43 -7.79
C LYS A 142 12.29 31.34 -6.79
N HIS A 143 11.53 30.20 -6.62
CA HIS A 143 12.10 29.31 -5.65
C HIS A 143 12.93 28.21 -6.22
N MET A 144 13.10 28.17 -7.50
CA MET A 144 13.93 27.10 -8.06
C MET A 144 15.32 27.09 -7.54
N LYS A 145 15.95 25.98 -7.23
CA LYS A 145 17.26 25.82 -6.71
C LYS A 145 17.94 24.81 -7.59
N PRO A 146 19.26 24.70 -7.48
CA PRO A 146 19.95 23.81 -8.39
C PRO A 146 19.54 22.39 -8.15
N ASN A 147 19.23 22.01 -6.95
CA ASN A 147 18.87 20.67 -6.59
C ASN A 147 17.32 20.43 -6.70
N THR A 148 16.59 21.43 -7.27
CA THR A 148 15.12 21.25 -7.36
C THR A 148 14.76 20.06 -8.25
N LYS A 149 13.94 19.14 -7.78
CA LYS A 149 13.56 17.99 -8.68
C LYS A 149 12.12 17.88 -9.03
N ILE A 150 11.26 18.33 -8.14
CA ILE A 150 9.84 18.27 -8.39
C ILE A 150 9.11 19.59 -8.18
N VAL A 151 8.20 19.92 -9.07
CA VAL A 151 7.28 21.01 -8.73
C VAL A 151 5.91 20.32 -8.58
N TYR A 152 5.21 20.56 -7.47
CA TYR A 152 3.97 19.77 -7.29
C TYR A 152 2.76 20.65 -7.00
N PHE A 153 1.59 20.27 -7.47
CA PHE A 153 0.38 21.04 -7.21
C PHE A 153 -0.90 20.28 -7.54
N GLU A 154 -2.01 20.81 -7.04
CA GLU A 154 -3.34 20.32 -7.36
C GLU A 154 -4.14 21.48 -7.90
N THR A 155 -4.85 21.29 -8.97
CA THR A 155 -5.81 22.24 -9.41
C THR A 155 -7.04 21.52 -9.96
N PRO A 156 -8.25 21.95 -9.57
CA PRO A 156 -8.42 22.97 -8.53
C PRO A 156 -7.90 22.47 -7.21
N ALA A 157 -7.49 23.32 -6.26
CA ALA A 157 -6.87 22.86 -5.02
C ALA A 157 -7.83 22.44 -3.90
N ASN A 158 -7.42 21.53 -3.06
CA ASN A 158 -8.22 20.85 -2.01
C ASN A 158 -7.87 21.48 -0.70
N PRO A 159 -8.73 22.26 -0.08
CA PRO A 159 -10.14 22.38 -0.37
C PRO A 159 -10.68 23.69 -0.94
N THR A 160 -9.93 24.77 -1.12
CA THR A 160 -10.37 26.05 -1.69
C THR A 160 -10.76 26.14 -3.17
N LEU A 161 -10.41 25.19 -4.06
CA LEU A 161 -10.67 25.25 -5.44
C LEU A 161 -9.88 26.36 -6.17
N LYS A 162 -8.66 26.65 -5.67
CA LYS A 162 -7.82 27.64 -6.36
C LYS A 162 -7.46 27.16 -7.77
N ILE A 163 -7.50 27.99 -8.82
CA ILE A 163 -7.05 27.45 -10.09
C ILE A 163 -5.59 27.76 -10.29
N ILE A 164 -4.81 26.85 -10.87
CA ILE A 164 -3.43 27.07 -11.04
C ILE A 164 -3.17 26.93 -12.53
N ASP A 165 -2.47 27.87 -13.10
CA ASP A 165 -2.14 27.89 -14.51
C ASP A 165 -0.99 26.93 -14.85
N MET A 166 -1.33 25.76 -15.30
CA MET A 166 -0.50 24.59 -15.48
C MET A 166 0.62 24.88 -16.47
N GLU A 167 0.20 25.52 -17.51
CA GLU A 167 1.10 25.80 -18.56
C GLU A 167 2.19 26.77 -18.13
N ARG A 168 1.86 27.66 -17.22
CA ARG A 168 2.76 28.67 -16.76
C ARG A 168 3.70 28.05 -15.73
N VAL A 169 3.15 27.21 -14.86
CA VAL A 169 3.97 26.58 -13.89
C VAL A 169 4.91 25.62 -14.62
N CYS A 170 4.43 24.98 -15.68
CA CYS A 170 5.34 24.04 -16.28
C CYS A 170 6.48 24.80 -16.98
N LYS A 171 6.21 25.80 -17.74
CA LYS A 171 7.30 26.61 -18.42
C LYS A 171 8.21 27.18 -17.38
N ASP A 172 7.81 27.64 -16.22
CA ASP A 172 8.82 28.02 -15.21
C ASP A 172 9.66 26.89 -14.64
N ALA A 173 8.97 25.78 -14.31
CA ALA A 173 9.74 24.67 -13.71
C ALA A 173 10.70 24.10 -14.78
N HIS A 174 10.26 24.02 -16.01
CA HIS A 174 11.11 23.38 -17.01
C HIS A 174 12.12 24.45 -17.63
N SER A 175 12.15 25.67 -17.03
CA SER A 175 13.15 26.58 -17.55
C SER A 175 14.50 26.10 -16.96
N GLN A 176 14.45 25.18 -16.00
CA GLN A 176 15.77 24.69 -15.57
C GLN A 176 15.79 23.23 -15.99
N GLU A 177 16.88 22.57 -16.36
CA GLU A 177 16.80 21.15 -16.71
C GLU A 177 16.53 20.17 -15.58
N GLY A 178 15.88 19.01 -15.84
CA GLY A 178 15.89 17.97 -14.74
C GLY A 178 14.75 18.19 -13.74
N VAL A 179 13.73 19.02 -14.07
CA VAL A 179 12.64 19.16 -13.05
C VAL A 179 11.42 18.38 -13.55
N LEU A 180 10.71 17.80 -12.61
CA LEU A 180 9.43 17.13 -12.92
C LEU A 180 8.24 17.86 -12.36
N VAL A 181 7.28 18.16 -13.21
CA VAL A 181 6.06 18.77 -12.71
C VAL A 181 5.08 17.61 -12.49
N ILE A 182 4.43 17.52 -11.37
CA ILE A 182 3.52 16.47 -10.89
C ILE A 182 2.23 17.15 -10.59
N ALA A 183 1.16 16.73 -11.19
CA ALA A 183 -0.15 17.37 -10.93
C ALA A 183 -1.13 16.37 -10.29
N ASP A 184 -1.64 16.72 -9.10
CA ASP A 184 -2.69 15.73 -8.60
C ASP A 184 -4.02 16.05 -9.22
N ASN A 185 -4.55 15.23 -10.16
CA ASN A 185 -5.70 15.49 -10.99
C ASN A 185 -6.97 14.92 -10.45
N THR A 186 -6.97 14.66 -9.14
CA THR A 186 -8.12 13.91 -8.54
C THR A 186 -9.46 14.59 -8.76
N PHE A 187 -9.52 15.86 -8.48
CA PHE A 187 -10.75 16.65 -8.51
C PHE A 187 -11.26 16.84 -9.91
N CYS A 188 -10.40 16.67 -10.89
CA CYS A 188 -10.96 16.75 -12.21
C CYS A 188 -11.33 15.41 -12.79
N SER A 189 -10.45 14.43 -12.61
CA SER A 189 -10.57 13.10 -13.26
C SER A 189 -10.13 13.32 -14.69
N PRO A 190 -9.74 12.30 -15.41
CA PRO A 190 -9.25 12.37 -16.80
C PRO A 190 -10.36 12.79 -17.70
N MET A 191 -11.61 12.90 -17.22
CA MET A 191 -12.69 13.31 -18.10
C MET A 191 -12.73 14.82 -18.19
N ILE A 192 -12.15 15.53 -17.23
CA ILE A 192 -12.33 17.03 -17.32
C ILE A 192 -10.97 17.59 -17.74
N THR A 193 -9.85 17.00 -17.35
CA THR A 193 -8.55 17.49 -17.60
C THR A 193 -7.50 16.47 -17.87
N ASN A 194 -6.67 16.70 -18.82
CA ASN A 194 -5.48 15.83 -19.02
C ASN A 194 -4.22 16.70 -18.87
N PRO A 195 -3.67 16.75 -17.69
CA PRO A 195 -2.61 17.66 -17.36
C PRO A 195 -1.36 17.54 -18.20
N VAL A 196 -1.00 16.45 -18.78
CA VAL A 196 0.11 16.38 -19.73
C VAL A 196 -0.11 17.26 -20.96
N ASP A 197 -1.32 17.66 -21.32
CA ASP A 197 -1.65 18.52 -22.38
C ASP A 197 -0.88 19.86 -22.16
N PHE A 198 -0.70 20.35 -20.97
CA PHE A 198 -0.08 21.52 -20.46
C PHE A 198 1.43 21.46 -20.13
N GLY A 199 2.10 20.31 -20.26
CA GLY A 199 3.53 20.14 -20.12
C GLY A 199 3.72 19.34 -18.82
N VAL A 200 2.60 18.94 -18.20
CA VAL A 200 2.89 18.27 -16.81
C VAL A 200 3.64 16.98 -17.01
N ASP A 201 4.51 16.44 -16.06
CA ASP A 201 5.18 15.20 -16.53
C ASP A 201 4.58 13.93 -15.89
N VAL A 202 3.92 14.03 -14.73
CA VAL A 202 3.47 12.97 -13.88
C VAL A 202 2.11 13.43 -13.31
N VAL A 203 1.07 12.56 -13.54
CA VAL A 203 -0.25 12.85 -13.06
C VAL A 203 -0.64 11.79 -12.06
N VAL A 204 -1.04 12.18 -10.86
CA VAL A 204 -1.46 11.25 -9.82
C VAL A 204 -2.94 11.47 -9.50
N HIS A 205 -3.61 10.38 -8.96
CA HIS A 205 -5.00 10.42 -8.57
C HIS A 205 -5.22 9.60 -7.29
N SER A 206 -6.25 10.08 -6.63
CA SER A 206 -6.84 9.30 -5.56
C SER A 206 -8.01 8.69 -6.37
N ALA A 207 -7.88 7.44 -6.74
CA ALA A 207 -8.97 6.77 -7.47
C ALA A 207 -10.07 6.37 -6.46
N THR A 208 -9.87 6.55 -5.14
CA THR A 208 -10.89 6.38 -4.20
C THR A 208 -12.02 7.42 -4.45
N LYS A 209 -11.75 8.47 -5.16
CA LYS A 209 -12.74 9.53 -5.38
C LYS A 209 -13.47 9.31 -6.65
N TYR A 210 -13.56 10.24 -7.64
CA TYR A 210 -14.41 10.14 -8.75
C TYR A 210 -14.11 8.88 -9.59
N ILE A 211 -12.92 8.41 -9.93
CA ILE A 211 -12.68 7.35 -10.88
C ILE A 211 -13.42 6.07 -10.42
N ASN A 212 -13.29 5.61 -9.20
CA ASN A 212 -14.12 4.47 -8.76
C ASN A 212 -15.54 5.00 -8.67
N GLY A 213 -15.76 6.16 -8.00
CA GLY A 213 -17.07 6.83 -7.96
C GLY A 213 -18.15 6.23 -7.11
N HIS A 214 -17.83 5.15 -6.38
CA HIS A 214 -18.85 4.47 -5.60
C HIS A 214 -18.43 4.37 -4.17
N THR A 215 -17.45 5.07 -3.65
CA THR A 215 -17.21 5.20 -2.22
C THR A 215 -16.94 3.89 -1.54
N ASP A 216 -16.42 2.93 -2.26
CA ASP A 216 -16.22 1.61 -1.58
C ASP A 216 -14.86 1.11 -1.81
N VAL A 217 -13.97 1.91 -2.42
CA VAL A 217 -12.62 1.44 -2.69
C VAL A 217 -11.59 2.52 -2.37
N VAL A 218 -10.47 2.15 -1.80
CA VAL A 218 -9.44 3.16 -1.55
C VAL A 218 -8.30 2.70 -2.49
N ALA A 219 -7.88 3.55 -3.41
CA ALA A 219 -6.82 3.21 -4.30
C ALA A 219 -6.27 4.48 -4.94
N GLY A 220 -5.08 4.29 -5.45
CA GLY A 220 -4.39 5.42 -6.13
C GLY A 220 -3.98 5.04 -7.57
N LEU A 221 -3.68 6.10 -8.36
CA LEU A 221 -3.07 5.93 -9.69
C LEU A 221 -2.05 7.00 -10.04
N ILE A 222 -0.98 6.47 -10.73
CA ILE A 222 0.08 7.19 -11.18
C ILE A 222 0.21 7.13 -12.68
N CYS A 223 0.28 8.28 -13.38
CA CYS A 223 0.20 8.22 -14.85
C CYS A 223 1.42 9.02 -15.44
N GLY A 224 2.12 8.53 -16.44
CA GLY A 224 3.32 9.29 -16.88
C GLY A 224 4.07 8.36 -17.88
N LYS A 225 5.29 8.66 -18.20
CA LYS A 225 6.19 7.95 -19.11
C LYS A 225 6.47 6.55 -18.66
N ALA A 226 6.71 5.65 -19.64
CA ALA A 226 7.07 4.23 -19.27
C ALA A 226 8.30 4.17 -18.43
N ASP A 227 9.31 5.04 -18.79
CA ASP A 227 10.60 4.99 -18.13
C ASP A 227 10.44 5.23 -16.65
N LEU A 228 10.00 6.42 -16.31
CA LEU A 228 9.78 6.78 -14.92
C LEU A 228 8.87 5.86 -14.14
N LEU A 229 7.74 5.44 -14.76
CA LEU A 229 6.82 4.59 -14.06
C LEU A 229 7.32 3.19 -13.92
N GLN A 230 8.27 2.76 -14.74
CA GLN A 230 8.90 1.46 -14.46
C GLN A 230 9.77 1.52 -13.26
N GLN A 231 10.33 2.73 -13.01
CA GLN A 231 11.17 2.88 -11.85
C GLN A 231 10.28 2.92 -10.61
N ILE A 232 9.17 3.63 -10.64
CA ILE A 232 8.22 3.74 -9.55
C ILE A 232 7.64 2.37 -9.23
N ARG A 233 7.56 1.55 -10.25
CA ARG A 233 6.92 0.20 -9.97
C ARG A 233 7.93 -0.69 -9.29
N MET A 234 9.20 -0.70 -9.77
CA MET A 234 10.24 -1.51 -9.17
C MET A 234 10.82 -0.91 -7.91
N VAL A 235 10.78 0.35 -7.64
CA VAL A 235 11.31 0.88 -6.39
C VAL A 235 10.22 1.38 -5.46
N GLY A 236 9.44 2.39 -5.93
CA GLY A 236 8.37 2.95 -5.06
C GLY A 236 7.43 1.85 -4.60
N ILE A 237 6.99 1.06 -5.57
CA ILE A 237 5.89 0.11 -5.16
C ILE A 237 6.50 -1.15 -4.54
N LYS A 238 7.48 -1.71 -5.24
CA LYS A 238 8.04 -3.00 -4.86
C LYS A 238 8.76 -2.96 -3.52
N ASP A 239 9.58 -1.98 -3.26
CA ASP A 239 10.30 -1.90 -1.99
C ASP A 239 9.80 -0.77 -1.06
N ILE A 240 9.54 0.41 -1.61
CA ILE A 240 9.44 1.44 -0.56
C ILE A 240 8.03 1.50 0.02
N THR A 241 7.01 1.55 -0.80
CA THR A 241 5.71 1.74 -0.09
C THR A 241 5.06 0.37 0.13
N GLY A 242 5.16 -0.55 -0.83
CA GLY A 242 4.39 -1.81 -0.66
C GLY A 242 2.92 -1.51 -0.78
N SER A 243 2.61 -0.48 -1.59
CA SER A 243 1.23 -0.06 -1.75
C SER A 243 0.62 -0.83 -2.89
N VAL A 244 0.34 -2.11 -2.69
CA VAL A 244 -0.07 -2.99 -3.73
C VAL A 244 -1.63 -3.08 -3.76
N ILE A 245 -2.21 -2.70 -4.86
CA ILE A 245 -3.70 -2.74 -4.97
C ILE A 245 -4.16 -4.20 -4.97
N SER A 246 -5.25 -4.46 -4.37
CA SER A 246 -5.99 -5.76 -4.45
C SER A 246 -6.51 -5.85 -5.89
N PRO A 247 -6.40 -6.99 -6.55
CA PRO A 247 -7.03 -7.23 -7.83
C PRO A 247 -8.54 -7.08 -7.73
N HIS A 248 -9.20 -7.50 -6.63
CA HIS A 248 -10.60 -7.38 -6.41
C HIS A 248 -10.99 -5.88 -6.42
N ASP A 249 -10.24 -5.02 -5.79
CA ASP A 249 -10.52 -3.60 -5.80
C ASP A 249 -10.18 -2.98 -7.12
N ALA A 250 -9.06 -3.36 -7.75
CA ALA A 250 -8.84 -2.92 -9.16
C ALA A 250 -10.03 -3.21 -10.03
N TRP A 251 -10.54 -4.51 -9.88
CA TRP A 251 -11.68 -4.85 -10.79
C TRP A 251 -12.90 -3.98 -10.56
N LEU A 252 -13.26 -3.68 -9.34
CA LEU A 252 -14.29 -2.78 -8.91
C LEU A 252 -14.05 -1.36 -9.45
N ILE A 253 -12.83 -0.88 -9.51
CA ILE A 253 -12.53 0.49 -10.03
C ILE A 253 -12.80 0.48 -11.52
N THR A 254 -12.36 -0.63 -12.16
CA THR A 254 -12.61 -0.76 -13.60
C THR A 254 -14.10 -0.64 -13.87
N ARG A 255 -14.89 -1.39 -13.09
CA ARG A 255 -16.32 -1.37 -13.10
C ARG A 255 -16.90 0.09 -12.91
N GLY A 256 -16.38 0.72 -11.87
CA GLY A 256 -16.83 2.10 -11.58
C GLY A 256 -16.47 3.12 -12.70
N LEU A 257 -15.38 2.86 -13.34
CA LEU A 257 -14.77 3.63 -14.42
C LEU A 257 -15.66 3.68 -15.64
N SER A 258 -16.39 2.59 -15.86
CA SER A 258 -17.24 2.55 -17.00
C SER A 258 -18.39 3.56 -16.92
N THR A 259 -18.74 4.10 -15.76
CA THR A 259 -19.78 5.16 -15.80
C THR A 259 -19.13 6.51 -15.56
N LEU A 260 -17.82 6.55 -15.50
CA LEU A 260 -17.13 7.77 -15.17
C LEU A 260 -17.60 8.94 -16.06
N ASN A 261 -17.73 8.75 -17.38
CA ASN A 261 -18.21 9.86 -18.17
C ASN A 261 -19.62 10.37 -17.85
N ILE A 262 -20.57 9.45 -17.63
CA ILE A 262 -21.95 9.95 -17.38
C ILE A 262 -22.00 10.44 -15.95
N ARG A 263 -21.26 9.93 -15.04
CA ARG A 263 -21.27 10.49 -13.70
C ARG A 263 -20.62 11.87 -13.57
N MET A 264 -19.54 12.09 -14.26
CA MET A 264 -18.92 13.44 -14.22
C MET A 264 -19.85 14.44 -14.90
N LYS A 265 -20.49 14.14 -15.98
CA LYS A 265 -21.33 15.15 -16.59
C LYS A 265 -22.48 15.41 -15.67
N ALA A 266 -23.12 14.33 -15.18
CA ALA A 266 -24.26 14.55 -14.30
C ALA A 266 -23.89 15.22 -12.97
N GLU A 267 -22.67 14.95 -12.45
CA GLU A 267 -22.24 15.65 -11.25
C GLU A 267 -21.99 17.16 -11.45
N SER A 268 -21.37 17.55 -12.51
CA SER A 268 -21.09 18.88 -12.93
C SER A 268 -22.37 19.72 -13.21
N GLU A 269 -23.34 19.05 -13.88
CA GLU A 269 -24.54 19.74 -14.20
C GLU A 269 -25.23 20.06 -12.85
N ASN A 270 -25.16 19.14 -11.98
CA ASN A 270 -25.84 19.31 -10.69
C ASN A 270 -25.12 20.35 -9.88
N ALA A 271 -23.83 20.35 -9.91
CA ALA A 271 -23.02 21.23 -9.18
C ALA A 271 -23.27 22.70 -9.65
N MET A 272 -23.31 22.89 -10.91
CA MET A 272 -23.48 24.30 -11.34
C MET A 272 -24.83 24.77 -10.75
N LYS A 273 -25.89 23.93 -10.78
CA LYS A 273 -27.16 24.42 -10.23
C LYS A 273 -26.98 24.65 -8.72
N VAL A 274 -26.44 23.71 -7.96
CA VAL A 274 -26.27 23.91 -6.51
C VAL A 274 -25.36 25.10 -6.16
N ALA A 275 -24.34 25.35 -6.95
CA ALA A 275 -23.42 26.46 -6.66
C ALA A 275 -24.12 27.82 -6.82
N GLU A 276 -24.89 28.04 -7.87
CA GLU A 276 -25.69 29.16 -8.15
C GLU A 276 -26.70 29.45 -7.02
N TYR A 277 -27.31 28.39 -6.49
CA TYR A 277 -28.27 28.45 -5.43
C TYR A 277 -27.51 28.87 -4.19
N LEU A 278 -26.34 28.35 -3.86
CA LEU A 278 -25.67 28.75 -2.65
C LEU A 278 -25.26 30.23 -2.72
N LYS A 279 -24.86 30.61 -3.95
CA LYS A 279 -24.34 31.92 -4.18
C LYS A 279 -25.45 32.96 -3.88
N SER A 280 -26.64 32.69 -4.26
CA SER A 280 -27.78 33.62 -4.06
C SER A 280 -28.23 33.69 -2.59
N HIS A 281 -27.70 32.87 -1.68
CA HIS A 281 -28.37 32.71 -0.40
C HIS A 281 -27.76 33.69 0.57
N PRO A 282 -28.62 34.35 1.30
CA PRO A 282 -28.14 35.42 2.20
C PRO A 282 -27.30 34.94 3.35
N ALA A 283 -27.22 33.69 3.74
CA ALA A 283 -26.39 33.20 4.81
C ALA A 283 -24.98 32.89 4.37
N VAL A 284 -24.79 32.97 3.07
CA VAL A 284 -23.46 32.48 2.54
C VAL A 284 -22.68 33.73 2.15
N GLU A 285 -21.49 33.79 2.56
CA GLU A 285 -20.60 34.92 2.23
C GLU A 285 -19.92 34.79 0.89
N LYS A 286 -19.51 33.55 0.60
CA LYS A 286 -18.71 33.35 -0.57
C LYS A 286 -18.91 31.93 -1.15
N VAL A 287 -18.92 31.74 -2.45
CA VAL A 287 -18.95 30.41 -3.04
C VAL A 287 -17.84 30.37 -4.08
N TYR A 288 -16.99 29.42 -3.97
CA TYR A 288 -15.88 29.08 -4.87
C TYR A 288 -16.38 27.89 -5.70
N TYR A 289 -16.46 28.11 -6.98
CA TYR A 289 -16.88 27.16 -7.99
C TYR A 289 -16.10 27.53 -9.24
N PRO A 290 -15.65 26.55 -10.01
CA PRO A 290 -14.77 26.97 -11.16
C PRO A 290 -15.59 27.50 -12.27
N GLY A 291 -16.88 27.15 -12.36
CA GLY A 291 -17.65 27.63 -13.48
C GLY A 291 -18.12 29.09 -13.26
N PHE A 292 -18.01 29.66 -12.07
CA PHE A 292 -18.48 31.04 -12.05
C PHE A 292 -17.63 31.93 -12.92
N GLU A 293 -18.18 32.88 -13.69
CA GLU A 293 -17.68 33.95 -14.51
C GLU A 293 -16.67 34.87 -13.84
N ASP A 294 -16.87 35.26 -12.58
CA ASP A 294 -16.10 35.87 -11.52
C ASP A 294 -15.08 35.04 -10.69
N HIS A 295 -15.26 33.74 -10.61
CA HIS A 295 -14.23 32.86 -10.12
C HIS A 295 -12.94 33.34 -10.86
N GLU A 296 -12.03 33.72 -9.95
CA GLU A 296 -10.67 34.09 -10.23
C GLU A 296 -10.09 32.87 -10.94
N GLY A 297 -9.50 33.11 -12.10
CA GLY A 297 -8.90 32.03 -12.81
C GLY A 297 -9.90 31.22 -13.61
N HIS A 298 -11.04 31.81 -13.85
CA HIS A 298 -12.12 31.23 -14.65
C HIS A 298 -11.74 31.04 -16.13
N ASP A 299 -11.02 31.97 -16.73
CA ASP A 299 -10.45 31.72 -18.03
C ASP A 299 -9.44 30.58 -18.07
N ILE A 300 -8.62 30.47 -17.05
CA ILE A 300 -7.63 29.38 -16.94
C ILE A 300 -8.39 28.07 -16.70
N ALA A 301 -9.48 28.15 -15.93
CA ALA A 301 -10.24 26.96 -15.50
C ALA A 301 -10.88 26.47 -16.80
N LYS A 302 -11.36 27.46 -17.56
CA LYS A 302 -11.98 27.24 -18.81
C LYS A 302 -11.00 26.66 -19.83
N LYS A 303 -9.76 27.09 -19.90
CA LYS A 303 -8.88 26.46 -20.91
C LYS A 303 -8.54 25.04 -20.43
N GLN A 304 -8.41 24.80 -19.10
CA GLN A 304 -7.95 23.55 -18.59
C GLN A 304 -8.99 22.48 -18.29
N MET A 305 -10.29 22.80 -18.14
CA MET A 305 -11.30 21.84 -17.75
C MET A 305 -12.43 21.65 -18.72
N ARG A 306 -12.84 20.47 -19.16
CA ARG A 306 -13.88 20.29 -20.11
C ARG A 306 -15.23 20.55 -19.41
N MET A 307 -15.25 20.33 -18.12
CA MET A 307 -16.42 20.56 -17.31
C MET A 307 -15.93 21.24 -16.03
N TYR A 308 -16.83 21.90 -15.34
CA TYR A 308 -16.32 22.59 -14.14
C TYR A 308 -16.34 21.77 -12.86
N GLY A 309 -16.68 20.47 -12.94
CA GLY A 309 -16.49 19.63 -11.76
C GLY A 309 -17.65 19.62 -10.79
N SER A 310 -17.57 18.84 -9.71
CA SER A 310 -18.68 18.70 -8.82
C SER A 310 -18.26 19.12 -7.44
N MET A 311 -17.06 19.61 -7.34
CA MET A 311 -16.59 20.18 -6.04
C MET A 311 -17.19 21.64 -5.92
N ILE A 312 -17.64 22.06 -4.75
CA ILE A 312 -18.04 23.40 -4.47
C ILE A 312 -17.46 23.74 -3.13
N THR A 313 -16.80 24.86 -2.89
CA THR A 313 -16.49 25.15 -1.46
C THR A 313 -17.14 26.46 -0.99
N PHE A 314 -17.73 26.62 0.20
CA PHE A 314 -18.43 27.88 0.44
C PHE A 314 -18.16 28.22 1.93
N ILE A 315 -18.38 29.55 2.18
CA ILE A 315 -18.14 30.04 3.55
C ILE A 315 -19.43 30.73 3.97
N LEU A 316 -19.94 30.41 5.16
CA LEU A 316 -21.09 30.97 5.74
C LEU A 316 -20.75 32.27 6.49
N LYS A 317 -21.67 33.27 6.41
CA LYS A 317 -21.37 34.55 7.16
C LYS A 317 -21.33 34.29 8.68
N SER A 318 -21.83 33.14 9.19
CA SER A 318 -21.78 32.91 10.59
C SER A 318 -20.58 32.08 10.93
N GLY A 319 -19.62 31.88 10.04
CA GLY A 319 -18.44 31.19 10.54
C GLY A 319 -18.73 29.77 11.06
N PHE A 320 -17.84 29.32 11.91
CA PHE A 320 -17.62 28.01 12.42
C PHE A 320 -18.87 27.42 13.05
N GLU A 321 -19.53 28.18 13.87
CA GLU A 321 -20.77 27.78 14.55
C GLU A 321 -21.90 27.71 13.56
N GLY A 322 -21.93 28.61 12.55
CA GLY A 322 -23.02 28.39 11.56
C GLY A 322 -22.72 27.15 10.68
N ALA A 323 -21.45 26.86 10.37
CA ALA A 323 -21.14 25.68 9.56
C ALA A 323 -21.55 24.36 10.23
N LYS A 324 -21.29 24.13 11.50
CA LYS A 324 -21.74 23.01 12.27
C LYS A 324 -23.28 22.84 12.30
N LYS A 325 -24.02 23.94 12.46
CA LYS A 325 -25.44 23.90 12.51
C LYS A 325 -25.91 23.43 11.17
N LEU A 326 -25.52 24.05 10.06
CA LEU A 326 -25.99 23.66 8.76
C LEU A 326 -25.64 22.16 8.49
N LEU A 327 -24.41 21.67 8.74
CA LEU A 327 -23.98 20.34 8.46
C LEU A 327 -24.66 19.31 9.41
N ASP A 328 -25.07 19.75 10.63
CA ASP A 328 -25.83 18.87 11.46
C ASP A 328 -27.30 18.90 11.05
N ASN A 329 -27.84 19.69 10.13
CA ASN A 329 -29.33 19.51 9.90
C ASN A 329 -29.72 19.11 8.46
N LEU A 330 -28.67 18.86 7.65
CA LEU A 330 -28.74 18.37 6.31
C LEU A 330 -29.31 16.94 6.38
N LYS A 331 -30.35 16.67 5.60
CA LYS A 331 -30.96 15.38 5.57
C LYS A 331 -30.65 14.53 4.34
N LEU A 332 -30.21 15.09 3.25
CA LEU A 332 -29.96 14.36 2.06
C LEU A 332 -28.51 14.33 1.78
N ILE A 333 -27.77 15.42 1.94
CA ILE A 333 -26.34 15.47 1.74
C ILE A 333 -25.65 14.75 2.93
N THR A 334 -24.67 13.92 2.72
CA THR A 334 -24.07 13.07 3.71
C THR A 334 -22.81 13.67 4.32
N LEU A 335 -22.74 13.66 5.65
CA LEU A 335 -21.63 14.17 6.41
C LEU A 335 -20.57 13.17 6.64
N ALA A 336 -19.50 13.21 5.87
CA ALA A 336 -18.40 12.31 5.98
C ALA A 336 -17.23 12.88 5.16
N VAL A 337 -16.00 12.55 5.36
CA VAL A 337 -14.92 13.04 4.47
C VAL A 337 -14.91 12.20 3.19
N SER A 338 -14.04 12.45 2.25
CA SER A 338 -14.04 11.80 0.96
C SER A 338 -14.93 12.61 -0.01
N LEU A 339 -15.04 12.15 -1.27
CA LEU A 339 -15.75 12.86 -2.23
C LEU A 339 -15.76 12.12 -3.48
N GLY A 340 -16.47 12.62 -4.48
CA GLY A 340 -16.48 12.01 -5.78
C GLY A 340 -17.42 10.78 -5.85
N GLY A 341 -18.27 10.55 -4.83
CA GLY A 341 -19.15 9.39 -5.06
C GLY A 341 -20.44 9.76 -5.72
N CYS A 342 -21.37 8.89 -6.01
CA CYS A 342 -22.66 9.07 -6.55
C CYS A 342 -23.53 9.83 -5.55
N GLU A 343 -23.28 9.63 -4.27
CA GLU A 343 -24.00 10.34 -3.28
C GLU A 343 -23.26 11.67 -2.91
N SER A 344 -24.03 12.68 -2.66
CA SER A 344 -23.40 13.97 -2.30
C SER A 344 -22.78 13.95 -0.86
N LEU A 345 -21.56 14.44 -0.78
CA LEU A 345 -20.89 14.36 0.56
C LEU A 345 -20.47 15.79 1.01
N ILE A 346 -20.29 16.07 2.28
CA ILE A 346 -19.92 17.40 2.70
C ILE A 346 -19.07 17.27 3.94
N GLN A 347 -18.24 18.25 4.33
CA GLN A 347 -17.45 18.21 5.53
C GLN A 347 -16.89 19.62 5.76
N HIS A 348 -16.19 19.75 6.89
CA HIS A 348 -15.64 20.99 7.44
C HIS A 348 -14.12 20.94 7.42
N PRO A 349 -13.46 21.49 6.44
CA PRO A 349 -12.04 21.16 6.25
C PRO A 349 -11.12 21.41 7.40
N ALA A 350 -11.35 22.53 8.08
CA ALA A 350 -10.48 22.95 9.15
C ALA A 350 -10.57 21.92 10.32
N SER A 351 -11.79 21.40 10.57
CA SER A 351 -11.76 20.47 11.72
C SER A 351 -11.61 18.99 11.36
N MET A 352 -11.61 18.70 10.07
CA MET A 352 -11.75 17.35 9.53
C MET A 352 -10.66 17.03 8.54
N THR A 353 -10.64 17.11 7.23
CA THR A 353 -9.56 16.71 6.34
C THR A 353 -8.27 17.49 6.46
N HIS A 354 -8.36 18.76 6.91
CA HIS A 354 -7.18 19.62 7.05
C HIS A 354 -6.87 20.00 8.49
N ALA A 355 -7.49 19.31 9.46
CA ALA A 355 -7.15 19.64 10.85
C ALA A 355 -5.71 19.19 11.20
N VAL A 356 -5.13 18.32 10.35
CA VAL A 356 -3.76 17.83 10.53
C VAL A 356 -2.78 18.97 10.18
N VAL A 357 -3.22 20.05 9.54
CA VAL A 357 -2.34 21.17 9.10
C VAL A 357 -2.37 22.26 10.14
N PRO A 358 -1.19 22.61 10.68
CA PRO A 358 -1.09 23.68 11.68
C PRO A 358 -1.98 24.79 11.12
N LYS A 359 -2.78 25.37 12.02
CA LYS A 359 -3.72 26.45 11.68
C LYS A 359 -3.16 27.61 10.88
N GLU A 360 -2.04 28.21 11.19
CA GLU A 360 -1.43 29.25 10.35
C GLU A 360 -1.23 28.83 8.89
N GLU A 361 -0.83 27.54 8.68
CA GLU A 361 -0.69 27.12 7.25
C GLU A 361 -2.06 27.00 6.59
N ARG A 362 -3.10 26.55 7.41
CA ARG A 362 -4.36 26.51 6.70
C ARG A 362 -4.81 27.94 6.28
N GLU A 363 -4.53 28.82 7.30
CA GLU A 363 -5.00 30.19 7.11
C GLU A 363 -4.25 30.82 5.99
N ALA A 364 -2.95 30.62 5.86
CA ALA A 364 -2.23 31.21 4.72
C ALA A 364 -2.74 30.75 3.36
N ALA A 365 -3.21 29.49 3.31
CA ALA A 365 -3.81 29.01 2.07
C ALA A 365 -5.29 29.27 1.87
N GLY A 366 -5.96 29.98 2.77
CA GLY A 366 -7.33 30.42 2.54
C GLY A 366 -8.26 29.40 3.18
N ILE A 367 -7.72 28.50 3.98
CA ILE A 367 -8.73 27.57 4.58
C ILE A 367 -9.22 28.26 5.81
N THR A 368 -10.36 28.88 5.96
CA THR A 368 -10.83 29.57 7.16
C THR A 368 -11.61 28.54 7.90
N ASP A 369 -12.21 28.92 9.04
CA ASP A 369 -13.01 27.92 9.79
C ASP A 369 -14.47 28.12 9.49
N GLY A 370 -14.78 29.02 8.54
CA GLY A 370 -16.24 29.15 8.18
C GLY A 370 -16.46 28.32 6.85
N MET A 371 -15.39 27.72 6.35
CA MET A 371 -15.43 27.07 5.07
C MET A 371 -15.94 25.62 5.13
N ILE A 372 -16.78 25.31 4.16
CA ILE A 372 -17.38 23.99 3.98
C ILE A 372 -17.05 23.48 2.58
N ARG A 373 -16.67 22.21 2.47
CA ARG A 373 -16.42 21.58 1.16
C ARG A 373 -17.49 20.55 0.83
N LEU A 374 -17.99 20.57 -0.42
CA LEU A 374 -19.13 19.83 -0.87
C LEU A 374 -18.69 19.09 -2.13
N SER A 375 -19.09 17.82 -2.28
CA SER A 375 -18.76 17.13 -3.53
C SER A 375 -20.16 16.74 -4.01
N VAL A 376 -20.64 17.20 -5.09
CA VAL A 376 -22.04 16.91 -5.45
C VAL A 376 -22.09 15.52 -6.13
N GLY A 377 -23.14 14.79 -5.93
CA GLY A 377 -23.29 13.44 -6.58
C GLY A 377 -24.47 13.52 -7.60
N ILE A 378 -25.20 12.40 -7.83
CA ILE A 378 -26.15 12.43 -8.89
C ILE A 378 -27.62 12.30 -8.51
N GLU A 379 -27.92 12.75 -7.37
CA GLU A 379 -29.33 12.89 -6.87
C GLU A 379 -30.06 13.94 -7.70
N ASP A 380 -31.32 14.16 -7.50
CA ASP A 380 -32.11 15.19 -8.21
C ASP A 380 -31.68 16.59 -7.72
N ALA A 381 -31.18 17.48 -8.58
CA ALA A 381 -30.66 18.79 -8.15
C ALA A 381 -31.66 19.59 -7.30
N ASP A 382 -32.95 19.55 -7.63
CA ASP A 382 -33.99 20.22 -6.82
C ASP A 382 -34.15 19.59 -5.42
N GLU A 383 -34.12 18.22 -5.26
CA GLU A 383 -33.97 17.78 -3.88
C GLU A 383 -32.68 18.21 -3.24
N LEU A 384 -31.53 18.25 -3.91
CA LEU A 384 -30.31 18.73 -3.28
C LEU A 384 -30.48 20.21 -2.79
N ILE A 385 -30.96 21.11 -3.63
CA ILE A 385 -31.11 22.53 -3.28
C ILE A 385 -32.12 22.64 -2.15
N ALA A 386 -33.17 21.79 -2.19
CA ALA A 386 -34.13 21.86 -1.08
C ALA A 386 -33.51 21.45 0.23
N ASP A 387 -32.55 20.48 0.22
CA ASP A 387 -31.91 20.20 1.53
C ASP A 387 -31.15 21.45 1.96
N PHE A 388 -30.44 22.07 0.97
CA PHE A 388 -29.69 23.22 1.50
C PHE A 388 -30.65 24.33 1.98
N LYS A 389 -31.73 24.57 1.24
CA LYS A 389 -32.71 25.54 1.65
C LYS A 389 -33.24 25.33 3.09
N GLN A 390 -33.63 24.17 3.54
CA GLN A 390 -34.15 24.01 4.83
C GLN A 390 -33.01 24.19 5.79
N GLY A 391 -31.83 23.65 5.50
CA GLY A 391 -30.77 23.72 6.53
C GLY A 391 -30.42 25.20 6.73
N LEU A 392 -30.15 25.86 5.65
CA LEU A 392 -29.75 27.29 5.64
C LEU A 392 -30.82 28.18 6.24
N ASP A 393 -32.05 28.22 5.71
CA ASP A 393 -33.13 28.94 6.33
C ASP A 393 -33.18 28.62 7.82
N ALA A 394 -32.92 27.46 8.39
CA ALA A 394 -32.92 27.30 9.84
C ALA A 394 -31.84 28.11 10.58
N LEU A 395 -30.74 28.43 9.88
CA LEU A 395 -29.69 29.28 10.39
C LEU A 395 -30.27 30.68 10.54
N LEU A 396 -30.97 31.12 9.47
CA LEU A 396 -31.48 32.49 9.56
C LEU A 396 -32.73 32.57 10.43
N GLU B 4 -6.54 -20.63 31.91
CA GLU B 4 -5.60 -20.61 30.73
C GLU B 4 -6.15 -19.74 29.60
N ARG B 5 -5.27 -19.07 28.89
CA ARG B 5 -5.55 -18.27 27.67
C ARG B 5 -6.14 -19.24 26.63
N MET B 6 -7.04 -18.67 25.84
CA MET B 6 -7.67 -19.42 24.74
C MET B 6 -6.51 -20.11 24.02
N THR B 7 -6.62 -21.39 23.61
CA THR B 7 -5.54 -21.94 22.80
C THR B 7 -5.49 -21.34 21.43
N PRO B 8 -4.36 -21.41 20.83
CA PRO B 8 -4.10 -20.89 19.44
C PRO B 8 -5.07 -21.60 18.51
N ALA B 9 -5.31 -22.88 18.86
CA ALA B 9 -6.22 -23.59 17.91
C ALA B 9 -7.58 -22.96 17.93
N THR B 10 -8.14 -22.64 19.08
CA THR B 10 -9.44 -22.09 19.20
C THR B 10 -9.47 -20.61 18.77
N ALA B 11 -8.33 -19.98 19.10
CA ALA B 11 -8.26 -18.55 18.80
C ALA B 11 -8.11 -18.21 17.35
N CYS B 12 -7.57 -19.04 16.46
CA CYS B 12 -7.62 -18.51 15.10
C CYS B 12 -9.07 -18.42 14.58
N ILE B 13 -10.05 -18.95 15.22
CA ILE B 13 -11.42 -18.86 14.83
C ILE B 13 -12.09 -17.85 15.76
N HIS B 14 -11.89 -17.95 17.07
CA HIS B 14 -12.67 -17.16 17.99
C HIS B 14 -11.96 -16.01 18.70
N ALA B 15 -10.64 -15.77 18.61
CA ALA B 15 -10.17 -14.56 19.36
C ALA B 15 -10.85 -13.31 18.84
N ASN B 16 -10.76 -12.19 19.50
CA ASN B 16 -11.35 -10.93 19.08
C ASN B 16 -12.74 -11.04 18.50
N PRO B 17 -13.70 -11.68 19.12
CA PRO B 17 -15.06 -11.88 18.65
C PRO B 17 -15.71 -10.52 18.37
N GLN B 18 -16.42 -10.45 17.27
CA GLN B 18 -17.06 -9.24 16.83
C GLN B 18 -18.54 -9.20 17.30
N LYS B 19 -19.17 -8.10 17.33
CA LYS B 19 -20.58 -8.13 17.70
C LYS B 19 -21.32 -7.51 16.55
N ASP B 20 -21.87 -8.17 15.61
CA ASP B 20 -22.61 -7.49 14.55
C ASP B 20 -24.03 -7.27 14.96
N GLN B 21 -24.68 -6.25 14.50
CA GLN B 21 -26.03 -5.97 14.96
C GLN B 21 -27.06 -7.05 14.60
N PHE B 22 -26.83 -7.87 13.53
CA PHE B 22 -27.82 -8.87 13.15
C PHE B 22 -27.36 -10.26 13.69
N GLY B 23 -26.26 -10.32 14.42
CA GLY B 23 -25.63 -11.54 14.84
C GLY B 23 -25.19 -12.41 13.60
N ALA B 24 -24.60 -11.79 12.59
CA ALA B 24 -23.94 -12.58 11.49
C ALA B 24 -23.00 -13.58 12.07
N ALA B 25 -23.03 -14.83 11.69
CA ALA B 25 -22.00 -15.80 12.20
C ALA B 25 -20.67 -15.31 11.70
N ILE B 26 -20.56 -14.81 10.48
CA ILE B 26 -19.27 -14.32 9.94
C ILE B 26 -19.40 -12.83 9.72
N PRO B 27 -18.65 -12.03 10.46
CA PRO B 27 -18.81 -10.55 10.41
C PRO B 27 -18.80 -10.09 8.95
N PRO B 28 -19.54 -9.11 8.57
CA PRO B 28 -19.68 -8.68 7.21
C PRO B 28 -18.45 -7.92 6.64
N ILE B 29 -18.59 -7.70 5.32
CA ILE B 29 -17.43 -7.07 4.72
C ILE B 29 -17.54 -5.57 4.59
N TYR B 30 -16.66 -4.83 5.28
CA TYR B 30 -16.85 -3.34 5.18
C TYR B 30 -16.15 -2.71 4.02
N GLN B 31 -16.56 -3.02 2.85
CA GLN B 31 -16.04 -2.40 1.60
C GLN B 31 -16.61 -1.05 1.45
N THR B 32 -16.06 -0.08 2.19
CA THR B 32 -16.60 1.32 2.13
C THR B 32 -15.37 2.19 2.36
N SER B 33 -15.14 3.19 1.54
CA SER B 33 -14.03 4.06 1.69
C SER B 33 -14.11 4.97 2.94
N THR B 34 -15.34 5.26 3.27
CA THR B 34 -15.79 6.23 4.21
C THR B 34 -16.98 6.03 5.13
N PHE B 35 -16.94 6.79 6.30
CA PHE B 35 -17.89 6.51 7.39
C PHE B 35 -18.69 7.74 7.70
N VAL B 36 -20.00 7.70 7.91
CA VAL B 36 -20.78 8.89 8.19
C VAL B 36 -20.72 9.34 9.64
N PHE B 37 -20.52 10.63 9.82
CA PHE B 37 -20.52 11.20 11.19
C PHE B 37 -21.99 11.41 11.63
N ASP B 38 -22.30 11.26 12.89
CA ASP B 38 -23.67 11.65 13.35
C ASP B 38 -23.76 13.19 13.43
N ASN B 39 -22.60 13.85 13.63
CA ASN B 39 -22.63 15.29 13.69
C ASN B 39 -21.24 15.84 13.53
N CYS B 40 -21.11 17.16 13.33
CA CYS B 40 -19.76 17.70 13.18
C CYS B 40 -18.88 17.47 14.37
N GLN B 41 -19.43 17.55 15.57
CA GLN B 41 -18.51 17.45 16.75
C GLN B 41 -17.90 16.05 16.87
N GLN B 42 -18.67 15.03 16.51
CA GLN B 42 -18.11 13.65 16.56
C GLN B 42 -17.02 13.51 15.53
N GLY B 43 -17.23 13.98 14.26
CA GLY B 43 -16.10 13.84 13.32
C GLY B 43 -14.85 14.57 13.76
N GLY B 44 -14.97 15.88 14.20
CA GLY B 44 -13.78 16.55 14.64
C GLY B 44 -13.20 15.84 15.86
N ASN B 45 -13.99 15.29 16.76
CA ASN B 45 -13.41 14.51 17.85
C ASN B 45 -12.62 13.24 17.45
N ARG B 46 -13.11 12.57 16.40
CA ARG B 46 -12.37 11.40 16.00
C ARG B 46 -11.08 11.95 15.38
N PHE B 47 -11.26 12.96 14.52
CA PHE B 47 -10.02 13.44 13.87
C PHE B 47 -9.01 13.77 14.95
N ALA B 48 -9.33 14.26 16.12
CA ALA B 48 -8.36 14.69 17.09
C ALA B 48 -7.81 13.56 17.94
N GLY B 49 -8.25 12.36 17.73
CA GLY B 49 -7.82 11.20 18.50
C GLY B 49 -8.56 11.25 19.84
N GLN B 50 -9.65 11.98 19.96
CA GLN B 50 -10.36 12.06 21.23
C GLN B 50 -11.66 11.28 21.25
N GLU B 51 -11.99 10.54 20.21
CA GLU B 51 -13.26 9.82 20.31
C GLU B 51 -13.10 8.64 19.34
N SER B 52 -13.51 7.50 19.80
CA SER B 52 -13.49 6.31 18.98
C SER B 52 -14.52 6.32 17.84
N GLY B 53 -14.41 5.30 16.99
CA GLY B 53 -15.31 5.22 15.80
C GLY B 53 -14.40 5.36 14.60
N TYR B 54 -14.97 5.17 13.37
CA TYR B 54 -14.22 5.09 12.13
C TYR B 54 -14.33 6.42 11.45
N ILE B 55 -13.41 6.64 10.48
CA ILE B 55 -13.38 7.89 9.72
C ILE B 55 -13.30 7.60 8.27
N TYR B 56 -12.25 6.77 7.95
CA TYR B 56 -12.01 6.59 6.49
C TYR B 56 -11.05 5.43 6.41
N THR B 57 -11.21 4.61 5.44
CA THR B 57 -10.50 3.33 5.33
C THR B 57 -8.98 3.44 5.27
N ARG B 58 -8.28 4.41 4.76
CA ARG B 58 -6.85 4.51 4.89
C ARG B 58 -6.54 4.60 6.41
N LEU B 59 -7.36 5.15 7.28
CA LEU B 59 -7.05 5.36 8.68
C LEU B 59 -7.54 4.13 9.48
N GLY B 60 -8.48 3.34 9.04
CA GLY B 60 -8.89 2.17 9.90
C GLY B 60 -10.24 1.70 9.37
N ASN B 61 -10.53 0.43 9.53
CA ASN B 61 -11.79 -0.15 9.05
C ASN B 61 -12.18 -1.36 9.90
N PRO B 62 -13.45 -1.49 10.22
CA PRO B 62 -13.89 -2.52 11.15
C PRO B 62 -13.54 -3.90 10.70
N THR B 63 -13.59 -4.27 9.41
CA THR B 63 -13.24 -5.66 9.02
C THR B 63 -11.73 -5.81 9.22
N VAL B 64 -11.02 -4.70 8.89
CA VAL B 64 -9.53 -4.82 9.02
C VAL B 64 -9.18 -4.94 10.47
N SER B 65 -9.83 -4.14 11.35
CA SER B 65 -9.59 -4.26 12.79
C SER B 65 -9.91 -5.70 13.21
N ASN B 66 -11.03 -6.34 12.82
CA ASN B 66 -11.21 -7.71 13.26
C ASN B 66 -9.96 -8.51 12.96
N LEU B 67 -9.45 -8.46 11.72
CA LEU B 67 -8.23 -9.30 11.50
C LEU B 67 -7.12 -8.95 12.46
N GLU B 68 -6.86 -7.61 12.54
CA GLU B 68 -5.83 -7.13 13.44
C GLU B 68 -5.90 -7.59 14.88
N GLY B 69 -7.06 -7.56 15.57
CA GLY B 69 -7.14 -8.02 16.94
C GLY B 69 -6.94 -9.52 17.05
N LYS B 70 -7.26 -10.30 16.03
CA LYS B 70 -7.09 -11.75 15.99
C LYS B 70 -5.60 -12.03 15.85
N ILE B 71 -4.79 -11.39 15.12
CA ILE B 71 -3.35 -11.49 14.91
C ILE B 71 -2.57 -11.00 16.14
N ALA B 72 -3.03 -9.90 16.72
CA ALA B 72 -2.47 -9.32 17.91
C ALA B 72 -2.65 -10.41 19.07
N PHE B 73 -3.79 -11.03 19.18
CA PHE B 73 -3.98 -12.02 20.20
C PHE B 73 -3.09 -13.24 20.01
N LEU B 74 -2.96 -13.70 18.71
CA LEU B 74 -2.16 -14.87 18.46
C LEU B 74 -0.67 -14.60 18.60
N GLU B 75 -0.23 -13.34 18.52
CA GLU B 75 1.15 -12.98 18.62
C GLU B 75 1.43 -12.43 20.01
N LYS B 76 0.43 -12.35 20.83
CA LYS B 76 0.47 -11.90 22.18
C LYS B 76 1.06 -10.49 22.20
N THR B 77 0.65 -9.57 21.36
CA THR B 77 1.12 -8.25 21.32
C THR B 77 -0.15 -7.40 21.58
N GLU B 78 0.05 -6.12 21.95
CA GLU B 78 -1.02 -5.27 22.29
C GLU B 78 -1.82 -4.93 21.04
N ALA B 79 -1.20 -4.83 19.85
CA ALA B 79 -1.97 -4.25 18.70
C ALA B 79 -1.41 -4.83 17.42
N CYS B 80 -2.04 -4.68 16.33
CA CYS B 80 -1.56 -5.10 15.03
C CYS B 80 -2.09 -4.11 14.04
N VAL B 81 -1.26 -3.76 13.03
CA VAL B 81 -1.71 -2.89 11.94
C VAL B 81 -1.61 -3.69 10.62
N ALA B 82 -2.68 -3.79 9.85
CA ALA B 82 -2.61 -4.60 8.63
C ALA B 82 -2.28 -3.73 7.44
N THR B 83 -1.59 -4.24 6.41
CA THR B 83 -1.17 -3.35 5.34
C THR B 83 -1.39 -4.10 4.03
N SER B 84 -1.22 -3.52 2.86
CA SER B 84 -1.52 -4.18 1.62
C SER B 84 -0.31 -4.94 1.08
N SER B 85 0.75 -5.15 1.79
CA SER B 85 1.75 -6.22 1.41
C SER B 85 2.75 -6.29 2.56
N GLY B 86 3.41 -7.48 2.67
CA GLY B 86 4.44 -7.65 3.60
C GLY B 86 5.48 -6.49 3.44
N MET B 87 5.84 -6.09 2.27
CA MET B 87 6.87 -5.01 2.12
C MET B 87 6.34 -3.72 2.71
N GLY B 88 5.03 -3.53 2.53
CA GLY B 88 4.38 -2.30 3.14
C GLY B 88 4.43 -2.41 4.63
N ALA B 89 4.34 -3.59 5.18
CA ALA B 89 4.44 -3.63 6.67
C ALA B 89 5.82 -3.33 7.13
N ILE B 90 6.86 -3.89 6.45
CA ILE B 90 8.24 -3.65 6.74
C ILE B 90 8.56 -2.15 6.64
N ALA B 91 8.13 -1.62 5.46
CA ALA B 91 8.43 -0.21 5.18
C ALA B 91 7.66 0.76 6.09
N ALA B 92 6.37 0.54 6.36
CA ALA B 92 5.66 1.47 7.25
C ALA B 92 6.25 1.51 8.67
N THR B 93 6.76 0.37 9.10
CA THR B 93 7.35 0.33 10.43
C THR B 93 8.71 1.09 10.46
N VAL B 94 9.65 0.79 9.53
CA VAL B 94 10.95 1.38 9.62
C VAL B 94 10.92 2.81 9.14
N LEU B 95 10.09 3.27 8.19
CA LEU B 95 10.07 4.66 7.77
C LEU B 95 9.23 5.43 8.81
N THR B 96 8.45 4.83 9.70
CA THR B 96 7.96 5.66 10.82
C THR B 96 9.08 5.88 11.86
N ILE B 97 9.80 4.88 12.33
CA ILE B 97 10.81 4.92 13.27
C ILE B 97 12.06 5.71 12.83
N LEU B 98 12.58 5.56 11.64
CA LEU B 98 13.84 6.17 11.23
C LEU B 98 13.75 7.56 10.64
N LYS B 99 14.84 8.34 10.68
CA LYS B 99 14.97 9.65 10.05
C LYS B 99 16.43 9.65 9.57
N ALA B 100 16.86 10.49 8.70
CA ALA B 100 18.14 10.64 8.08
C ALA B 100 19.14 10.77 9.21
N GLY B 101 20.23 10.02 9.32
CA GLY B 101 21.12 10.20 10.47
C GLY B 101 20.97 9.01 11.39
N ASP B 102 19.86 8.23 11.36
CA ASP B 102 19.75 7.06 12.23
C ASP B 102 20.54 5.90 11.62
N HIS B 103 20.67 4.86 12.40
CA HIS B 103 21.39 3.67 12.02
C HIS B 103 20.52 2.43 12.23
N LEU B 104 20.60 1.49 11.27
CA LEU B 104 19.81 0.23 11.32
C LEU B 104 20.76 -0.94 11.18
N ILE B 105 20.62 -1.97 12.02
CA ILE B 105 21.39 -3.18 11.79
C ILE B 105 20.48 -4.30 11.33
N SER B 106 20.93 -5.03 10.27
CA SER B 106 20.07 -6.13 9.82
C SER B 106 20.93 -7.38 9.59
N ASP B 107 20.28 -8.52 9.69
CA ASP B 107 20.84 -9.73 9.41
C ASP B 107 21.08 -9.59 7.89
N GLU B 108 22.13 -10.25 7.43
CA GLU B 108 22.37 -10.17 5.96
C GLU B 108 21.57 -11.18 5.14
N CYS B 109 21.05 -12.26 5.66
CA CYS B 109 20.23 -13.15 4.82
C CYS B 109 18.77 -12.73 4.98
N LEU B 110 18.23 -12.05 3.94
CA LEU B 110 16.90 -11.54 4.03
C LEU B 110 16.19 -11.94 2.73
N TYR B 111 14.89 -11.91 2.79
CA TYR B 111 14.15 -11.97 1.56
C TYR B 111 14.93 -10.96 0.63
N GLY B 112 14.81 -11.19 -0.70
CA GLY B 112 15.45 -10.28 -1.64
C GLY B 112 14.85 -8.87 -1.63
N CYS B 113 13.52 -8.65 -1.56
CA CYS B 113 13.08 -7.25 -1.61
C CYS B 113 13.28 -6.47 -0.29
N THR B 114 13.40 -7.08 0.85
CA THR B 114 13.72 -6.40 2.11
C THR B 114 15.16 -5.88 2.08
N HIS B 115 16.04 -6.73 1.59
CA HIS B 115 17.46 -6.40 1.36
C HIS B 115 17.61 -5.15 0.48
N ALA B 116 16.88 -5.04 -0.63
CA ALA B 116 16.96 -3.79 -1.43
C ALA B 116 16.32 -2.57 -0.82
N LEU B 117 15.20 -2.82 -0.05
CA LEU B 117 14.67 -1.62 0.64
C LEU B 117 15.75 -1.06 1.57
N PHE B 118 16.38 -1.94 2.41
CA PHE B 118 17.38 -1.51 3.34
C PHE B 118 18.65 -0.96 2.58
N GLU B 119 19.21 -1.67 1.63
CA GLU B 119 20.39 -1.38 0.93
C GLU B 119 20.34 -0.13 0.05
N HIS B 120 19.30 0.09 -0.66
CA HIS B 120 19.13 1.15 -1.66
C HIS B 120 18.12 2.17 -1.21
N ALA B 121 16.98 1.93 -0.60
CA ALA B 121 16.14 3.12 -0.33
C ALA B 121 16.51 3.73 0.98
N LEU B 122 16.67 3.05 2.06
CA LEU B 122 16.91 3.70 3.36
C LEU B 122 18.22 4.49 3.29
N THR B 123 19.18 4.02 2.59
CA THR B 123 20.45 4.56 2.24
C THR B 123 20.35 5.92 1.63
N LYS B 124 19.41 6.08 0.71
CA LYS B 124 19.20 7.33 -0.03
C LYS B 124 18.43 8.35 0.83
N PHE B 125 17.83 7.92 1.92
CA PHE B 125 17.13 8.87 2.76
C PHE B 125 17.99 9.19 4.00
N GLY B 126 19.29 9.05 3.80
CA GLY B 126 20.30 9.40 4.81
C GLY B 126 20.36 8.42 5.95
N ILE B 127 19.77 7.21 5.82
CA ILE B 127 19.87 6.23 6.96
C ILE B 127 21.04 5.30 6.80
N GLN B 128 21.70 4.90 7.91
CA GLN B 128 22.83 4.01 7.68
C GLN B 128 22.40 2.56 7.99
N VAL B 129 22.91 1.63 7.16
CA VAL B 129 22.59 0.25 7.52
C VAL B 129 23.76 -0.69 7.57
N ASP B 130 23.82 -1.67 8.47
CA ASP B 130 24.86 -2.64 8.44
C ASP B 130 24.15 -3.98 8.08
N PHE B 131 24.70 -4.76 7.25
CA PHE B 131 24.19 -6.11 7.03
C PHE B 131 25.19 -7.01 7.73
N ILE B 132 24.83 -7.83 8.74
CA ILE B 132 25.85 -8.67 9.41
C ILE B 132 25.23 -10.04 9.65
N ASN B 133 26.05 -11.00 10.10
CA ASN B 133 25.35 -12.32 10.36
C ASN B 133 24.94 -12.22 11.83
N THR B 134 23.70 -12.01 12.14
CA THR B 134 23.24 -11.80 13.49
C THR B 134 23.21 -13.12 14.21
N ALA B 135 23.37 -14.27 13.55
CA ALA B 135 23.49 -15.52 14.25
C ALA B 135 24.83 -15.71 15.00
N ILE B 136 25.88 -15.02 14.70
CA ILE B 136 27.11 -15.18 15.49
C ILE B 136 26.91 -14.43 16.83
N PRO B 137 27.26 -15.09 17.93
CA PRO B 137 27.14 -14.51 19.26
C PRO B 137 27.99 -13.29 19.37
N GLY B 138 27.42 -12.15 19.84
CA GLY B 138 28.15 -10.88 19.81
C GLY B 138 28.11 -9.99 18.60
N GLU B 139 27.74 -10.37 17.34
CA GLU B 139 27.96 -9.39 16.22
C GLU B 139 27.07 -8.16 16.36
N VAL B 140 25.80 -8.33 16.71
CA VAL B 140 25.01 -7.06 16.84
C VAL B 140 25.67 -6.06 17.76
N LYS B 141 26.18 -6.43 18.93
CA LYS B 141 26.78 -5.44 19.85
C LYS B 141 28.00 -4.86 19.19
N LYS B 142 28.87 -5.63 18.55
CA LYS B 142 30.01 -4.95 17.90
C LYS B 142 29.58 -3.91 16.89
N HIS B 143 28.33 -3.96 16.33
CA HIS B 143 28.10 -2.94 15.27
C HIS B 143 27.25 -1.84 15.80
N MET B 144 26.91 -1.78 17.07
CA MET B 144 26.06 -0.65 17.53
C MET B 144 26.83 0.64 17.66
N LYS B 145 26.19 1.75 17.53
CA LYS B 145 26.62 3.12 17.59
C LYS B 145 25.53 3.88 18.35
N PRO B 146 25.86 5.06 18.80
CA PRO B 146 24.97 5.85 19.63
C PRO B 146 23.58 6.01 18.99
N ASN B 147 23.74 6.17 17.65
CA ASN B 147 22.61 6.44 16.83
C ASN B 147 21.88 5.19 16.39
N THR B 148 22.27 3.98 16.65
CA THR B 148 21.59 2.77 16.28
C THR B 148 20.11 2.80 16.68
N LYS B 149 19.13 2.53 15.81
CA LYS B 149 17.75 2.49 16.26
C LYS B 149 16.95 1.20 16.17
N ILE B 150 17.35 0.40 15.18
CA ILE B 150 16.63 -0.82 14.93
C ILE B 150 17.62 -1.99 14.76
N VAL B 151 17.26 -3.19 15.25
CA VAL B 151 18.05 -4.34 14.82
C VAL B 151 16.98 -5.23 14.15
N TYR B 152 17.18 -5.75 12.97
CA TYR B 152 16.23 -6.51 12.21
C TYR B 152 16.71 -7.85 11.73
N PHE B 153 15.83 -8.90 11.73
CA PHE B 153 16.20 -10.20 11.25
C PHE B 153 14.97 -11.07 10.93
N GLU B 154 15.20 -12.20 10.28
CA GLU B 154 14.21 -13.20 9.93
C GLU B 154 14.69 -14.58 10.38
N THR B 155 13.92 -15.29 11.11
CA THR B 155 14.42 -16.66 11.42
C THR B 155 13.18 -17.57 11.47
N PRO B 156 13.25 -18.65 10.75
CA PRO B 156 14.44 -19.02 9.92
C PRO B 156 14.57 -18.09 8.70
N ALA B 157 15.81 -17.94 8.16
CA ALA B 157 16.00 -16.93 7.10
C ALA B 157 15.56 -17.32 5.69
N ASN B 158 15.10 -16.43 4.85
CA ASN B 158 14.61 -16.67 3.50
C ASN B 158 15.72 -16.43 2.48
N PRO B 159 16.27 -17.48 1.89
CA PRO B 159 15.82 -18.85 1.94
C PRO B 159 16.67 -20.01 2.44
N THR B 160 17.82 -19.75 3.11
CA THR B 160 18.66 -20.85 3.55
C THR B 160 18.16 -21.57 4.80
N LEU B 161 17.20 -20.95 5.49
CA LEU B 161 16.64 -21.45 6.75
C LEU B 161 17.66 -21.37 7.87
N LYS B 162 18.54 -20.40 7.84
CA LYS B 162 19.45 -20.11 8.97
C LYS B 162 18.68 -19.72 10.18
N ILE B 163 19.07 -20.11 11.37
CA ILE B 163 18.41 -19.91 12.63
C ILE B 163 19.15 -18.81 13.40
N ILE B 164 18.40 -17.94 14.03
CA ILE B 164 19.03 -16.87 14.73
C ILE B 164 18.45 -16.93 16.10
N ASP B 165 19.29 -16.77 17.07
CA ASP B 165 18.94 -16.89 18.50
C ASP B 165 18.39 -15.56 18.81
N MET B 166 17.06 -15.37 18.78
CA MET B 166 16.47 -14.04 19.02
C MET B 166 16.77 -13.44 20.37
N GLU B 167 16.64 -14.15 21.43
CA GLU B 167 16.88 -13.63 22.78
C GLU B 167 18.31 -13.01 23.01
N ARG B 168 19.31 -13.54 22.45
CA ARG B 168 20.68 -13.07 22.50
C ARG B 168 20.83 -11.86 21.58
N VAL B 169 20.04 -11.84 20.49
CA VAL B 169 20.10 -10.62 19.63
C VAL B 169 19.44 -9.51 20.43
N CYS B 170 18.30 -9.76 21.08
CA CYS B 170 17.65 -8.75 21.88
C CYS B 170 18.52 -8.26 23.01
N LYS B 171 19.06 -9.14 23.78
CA LYS B 171 19.93 -8.75 24.91
C LYS B 171 21.05 -7.82 24.41
N ASP B 172 21.75 -8.19 23.32
CA ASP B 172 22.64 -7.15 22.81
C ASP B 172 22.01 -5.88 22.29
N ALA B 173 20.85 -5.88 21.63
CA ALA B 173 20.29 -4.65 21.12
C ALA B 173 19.71 -3.84 22.24
N HIS B 174 19.25 -4.49 23.32
CA HIS B 174 18.66 -3.56 24.32
C HIS B 174 19.71 -3.17 25.34
N SER B 175 21.00 -3.42 25.10
CA SER B 175 22.10 -3.07 25.98
C SER B 175 22.34 -1.61 25.83
N GLN B 176 21.67 -0.84 24.96
CA GLN B 176 21.75 0.62 25.05
C GLN B 176 20.30 1.02 24.94
N GLU B 177 19.89 2.16 25.41
CA GLU B 177 18.50 2.49 25.30
C GLU B 177 18.08 2.92 23.90
N GLY B 178 16.78 2.82 23.72
CA GLY B 178 16.12 3.35 22.58
C GLY B 178 16.39 2.40 21.41
N VAL B 179 16.57 1.13 21.51
CA VAL B 179 16.75 0.31 20.30
C VAL B 179 15.53 -0.63 20.06
N LEU B 180 15.03 -0.69 18.86
CA LEU B 180 13.84 -1.58 18.64
C LEU B 180 14.24 -2.83 17.86
N VAL B 181 13.85 -3.99 18.37
CA VAL B 181 14.15 -5.23 17.67
C VAL B 181 12.85 -5.63 16.89
N ILE B 182 13.08 -5.86 15.60
CA ILE B 182 12.06 -6.20 14.65
C ILE B 182 12.32 -7.55 14.07
N ALA B 183 11.35 -8.52 14.19
CA ALA B 183 11.63 -9.84 13.63
C ALA B 183 10.50 -10.16 12.60
N ASP B 184 10.92 -10.66 11.43
CA ASP B 184 9.99 -10.96 10.40
C ASP B 184 9.67 -12.42 10.73
N ASN B 185 8.47 -12.77 11.10
CA ASN B 185 8.09 -14.11 11.47
C ASN B 185 7.20 -14.77 10.44
N THR B 186 7.35 -14.35 9.20
CA THR B 186 6.58 -14.87 8.09
C THR B 186 6.73 -16.37 8.01
N PHE B 187 7.96 -16.88 8.00
CA PHE B 187 8.13 -18.33 7.84
C PHE B 187 7.67 -19.20 8.94
N CYS B 188 7.53 -18.75 10.16
CA CYS B 188 6.91 -19.56 11.22
C CYS B 188 5.44 -19.42 11.37
N SER B 189 4.95 -18.14 11.27
CA SER B 189 3.53 -17.86 11.56
C SER B 189 3.45 -17.83 13.12
N PRO B 190 2.41 -17.26 13.68
CA PRO B 190 2.19 -17.20 15.07
C PRO B 190 1.86 -18.56 15.68
N MET B 191 1.54 -19.63 14.94
CA MET B 191 1.33 -20.96 15.47
C MET B 191 2.66 -21.59 15.87
N ILE B 192 3.78 -21.17 15.26
CA ILE B 192 5.06 -21.81 15.51
C ILE B 192 5.93 -21.01 16.53
N THR B 193 5.92 -19.71 16.45
CA THR B 193 6.73 -18.87 17.26
C THR B 193 6.05 -17.59 17.64
N ASN B 194 6.29 -17.19 18.86
CA ASN B 194 5.89 -15.79 19.21
C ASN B 194 7.17 -14.99 19.50
N PRO B 195 7.78 -14.32 18.58
CA PRO B 195 8.97 -13.50 18.83
C PRO B 195 9.02 -12.56 20.04
N VAL B 196 7.97 -12.06 20.64
CA VAL B 196 7.91 -11.22 21.79
C VAL B 196 8.32 -12.07 22.97
N ASP B 197 8.24 -13.40 22.96
CA ASP B 197 8.62 -14.26 24.04
C ASP B 197 10.10 -14.07 24.35
N PHE B 198 10.89 -13.78 23.32
CA PHE B 198 12.32 -13.70 23.38
C PHE B 198 12.80 -12.27 23.51
N GLY B 199 11.93 -11.24 23.68
CA GLY B 199 12.47 -9.86 23.87
C GLY B 199 12.16 -9.01 22.61
N VAL B 200 11.53 -9.58 21.54
CA VAL B 200 11.41 -8.75 20.33
C VAL B 200 10.42 -7.66 20.61
N ASP B 201 10.55 -6.49 20.09
CA ASP B 201 9.57 -5.42 20.24
C ASP B 201 8.43 -5.40 19.19
N VAL B 202 8.79 -5.63 17.95
CA VAL B 202 7.89 -5.55 16.83
C VAL B 202 7.99 -6.82 15.94
N VAL B 203 6.86 -7.39 15.57
CA VAL B 203 6.86 -8.60 14.75
C VAL B 203 6.13 -8.30 13.45
N VAL B 204 6.81 -8.53 12.33
CA VAL B 204 6.11 -8.31 11.06
C VAL B 204 5.87 -9.62 10.31
N HIS B 205 4.84 -9.59 9.38
CA HIS B 205 4.56 -10.70 8.51
C HIS B 205 4.21 -10.22 7.10
N SER B 206 4.57 -11.04 6.15
CA SER B 206 3.96 -11.16 4.87
C SER B 206 2.71 -12.03 5.11
N ALA B 207 1.48 -11.48 5.29
CA ALA B 207 0.29 -12.31 5.45
C ALA B 207 -0.05 -13.08 4.14
N THR B 208 0.55 -12.72 3.08
CA THR B 208 0.51 -13.39 1.79
C THR B 208 0.79 -14.88 1.91
N LYS B 209 1.62 -15.24 2.87
CA LYS B 209 2.06 -16.63 2.97
C LYS B 209 1.19 -17.51 3.80
N TYR B 210 1.66 -18.02 4.93
CA TYR B 210 0.81 -18.88 5.73
C TYR B 210 -0.47 -18.35 6.32
N ILE B 211 -0.43 -17.11 6.88
CA ILE B 211 -1.58 -16.59 7.58
C ILE B 211 -2.78 -16.62 6.65
N ASN B 212 -2.75 -16.04 5.45
CA ASN B 212 -3.90 -16.17 4.57
C ASN B 212 -3.89 -17.66 4.10
N GLY B 213 -2.75 -18.22 3.75
CA GLY B 213 -2.66 -19.63 3.43
C GLY B 213 -3.32 -20.02 2.10
N HIS B 214 -3.84 -19.17 1.26
CA HIS B 214 -4.60 -19.63 0.09
C HIS B 214 -4.19 -18.96 -1.22
N THR B 215 -2.94 -18.42 -1.23
CA THR B 215 -2.30 -17.94 -2.42
C THR B 215 -3.16 -16.97 -3.21
N ASP B 216 -3.98 -16.13 -2.58
CA ASP B 216 -4.84 -15.30 -3.45
C ASP B 216 -4.94 -13.87 -2.91
N VAL B 217 -4.12 -13.56 -1.87
CA VAL B 217 -4.14 -12.28 -1.24
C VAL B 217 -2.67 -11.81 -1.02
N VAL B 218 -2.35 -10.58 -1.32
CA VAL B 218 -1.06 -10.01 -0.95
C VAL B 218 -1.33 -9.12 0.24
N ALA B 219 -0.69 -9.25 1.36
CA ALA B 219 -0.99 -8.41 2.49
C ALA B 219 0.14 -8.52 3.57
N GLY B 220 0.25 -7.55 4.47
CA GLY B 220 1.30 -7.54 5.50
C GLY B 220 0.69 -7.23 6.85
N LEU B 221 1.40 -7.59 7.94
CA LEU B 221 0.92 -7.34 9.26
C LEU B 221 2.11 -6.89 10.13
N ILE B 222 1.81 -5.94 11.03
CA ILE B 222 2.72 -5.36 12.01
C ILE B 222 2.23 -5.64 13.37
N CYS B 223 2.99 -6.29 14.23
CA CYS B 223 2.36 -6.57 15.59
C CYS B 223 3.17 -6.00 16.69
N GLY B 224 2.68 -5.32 17.66
CA GLY B 224 3.65 -4.75 18.65
C GLY B 224 2.84 -3.92 19.60
N LYS B 225 3.49 -2.95 20.31
CA LYS B 225 2.81 -2.15 21.30
C LYS B 225 1.84 -1.18 20.63
N ALA B 226 0.83 -0.79 21.36
CA ALA B 226 -0.18 0.17 20.93
C ALA B 226 0.30 1.57 20.60
N ASP B 227 1.30 2.07 21.39
CA ASP B 227 1.60 3.48 21.08
C ASP B 227 2.53 3.53 19.87
N LEU B 228 3.49 2.61 19.73
CA LEU B 228 4.30 2.63 18.53
C LEU B 228 3.48 2.33 17.33
N LEU B 229 2.55 1.39 17.44
CA LEU B 229 1.72 1.03 16.21
C LEU B 229 0.75 2.11 15.83
N GLN B 230 0.27 2.86 16.83
CA GLN B 230 -0.49 4.09 16.58
C GLN B 230 0.36 5.09 15.78
N GLN B 231 1.65 5.26 16.02
CA GLN B 231 2.46 6.11 15.18
C GLN B 231 2.74 5.46 13.78
N ILE B 232 2.83 4.17 13.69
CA ILE B 232 3.01 3.54 12.38
C ILE B 232 1.72 3.71 11.56
N ARG B 233 0.59 3.63 12.17
CA ARG B 233 -0.64 3.88 11.50
C ARG B 233 -0.78 5.30 11.00
N MET B 234 -0.60 6.33 11.85
CA MET B 234 -0.80 7.73 11.52
C MET B 234 0.34 8.34 10.74
N VAL B 235 1.50 7.71 10.68
CA VAL B 235 2.56 8.31 9.87
C VAL B 235 2.93 7.35 8.72
N GLY B 236 3.45 6.16 9.07
CA GLY B 236 3.84 5.24 8.04
C GLY B 236 2.75 4.70 7.10
N ILE B 237 1.54 4.47 7.60
CA ILE B 237 0.45 4.10 6.71
C ILE B 237 -0.20 5.36 6.14
N LYS B 238 -0.67 6.31 6.89
CA LYS B 238 -1.46 7.44 6.49
C LYS B 238 -0.74 8.23 5.41
N ASP B 239 0.50 8.58 5.65
CA ASP B 239 1.32 9.38 4.84
C ASP B 239 2.44 8.75 4.04
N ILE B 240 3.25 7.85 4.62
CA ILE B 240 4.47 7.50 3.89
C ILE B 240 4.27 6.39 2.86
N THR B 241 3.59 5.31 3.27
CA THR B 241 3.52 4.23 2.29
C THR B 241 2.14 4.26 1.66
N GLY B 242 1.08 4.62 2.40
CA GLY B 242 -0.24 4.56 1.74
C GLY B 242 -0.57 3.05 1.50
N SER B 243 -0.03 2.17 2.31
CA SER B 243 -0.26 0.77 2.09
C SER B 243 -1.52 0.31 2.83
N VAL B 244 -2.66 0.61 2.30
CA VAL B 244 -3.97 0.35 2.79
C VAL B 244 -4.61 -0.93 2.34
N ILE B 245 -4.70 -1.85 3.26
CA ILE B 245 -5.31 -3.15 2.82
C ILE B 245 -6.75 -2.98 2.42
N SER B 246 -7.22 -3.61 1.33
CA SER B 246 -8.60 -3.70 0.98
C SER B 246 -9.34 -4.51 2.08
N PRO B 247 -10.42 -3.95 2.53
CA PRO B 247 -11.25 -4.67 3.54
C PRO B 247 -11.65 -6.04 2.98
N HIS B 248 -12.01 -6.26 1.75
CA HIS B 248 -12.22 -7.53 1.10
C HIS B 248 -11.08 -8.56 1.27
N ASP B 249 -9.83 -8.13 1.08
CA ASP B 249 -8.73 -9.03 1.26
C ASP B 249 -8.49 -9.27 2.78
N ALA B 250 -8.75 -8.27 3.61
CA ALA B 250 -8.63 -8.53 5.04
C ALA B 250 -9.62 -9.65 5.42
N TRP B 251 -10.89 -9.64 5.01
CA TRP B 251 -11.89 -10.64 5.31
C TRP B 251 -11.43 -11.98 4.57
N LEU B 252 -10.77 -11.98 3.52
CA LEU B 252 -10.26 -13.28 2.92
C LEU B 252 -9.22 -13.75 3.94
N ILE B 253 -8.34 -12.94 4.49
CA ILE B 253 -7.28 -13.47 5.36
C ILE B 253 -7.94 -13.92 6.70
N THR B 254 -8.91 -13.23 7.30
CA THR B 254 -9.54 -13.86 8.42
C THR B 254 -10.14 -15.27 8.08
N ARG B 255 -10.74 -15.42 6.91
CA ARG B 255 -11.27 -16.69 6.52
C ARG B 255 -10.12 -17.73 6.45
N GLY B 256 -8.98 -17.37 5.85
CA GLY B 256 -7.82 -18.29 5.74
C GLY B 256 -7.26 -18.54 7.15
N LEU B 257 -7.25 -17.51 8.01
CA LEU B 257 -6.74 -17.73 9.33
C LEU B 257 -7.41 -18.87 10.06
N SER B 258 -8.71 -19.02 9.88
CA SER B 258 -9.40 -19.98 10.77
C SER B 258 -8.92 -21.36 10.47
N THR B 259 -8.25 -21.74 9.37
CA THR B 259 -7.64 -23.08 9.33
C THR B 259 -6.14 -23.00 9.52
N LEU B 260 -5.63 -21.88 10.02
CA LEU B 260 -4.18 -21.79 10.22
C LEU B 260 -3.54 -22.88 11.04
N ASN B 261 -4.14 -23.21 12.19
CA ASN B 261 -3.47 -24.24 13.06
C ASN B 261 -3.53 -25.65 12.44
N ILE B 262 -4.68 -26.00 11.86
CA ILE B 262 -4.66 -27.27 11.18
C ILE B 262 -3.76 -27.27 9.96
N ARG B 263 -3.60 -26.13 9.26
CA ARG B 263 -2.72 -26.16 8.06
C ARG B 263 -1.28 -26.19 8.50
N MET B 264 -0.92 -25.37 9.54
CA MET B 264 0.46 -25.36 9.94
C MET B 264 0.87 -26.76 10.39
N LYS B 265 0.03 -27.49 11.14
CA LYS B 265 0.49 -28.80 11.62
C LYS B 265 0.66 -29.71 10.42
N ALA B 266 -0.40 -29.85 9.57
CA ALA B 266 -0.31 -30.69 8.42
C ALA B 266 0.82 -30.36 7.49
N GLU B 267 1.22 -29.11 7.22
CA GLU B 267 2.30 -28.76 6.35
C GLU B 267 3.61 -29.08 7.05
N SER B 268 3.67 -28.94 8.34
CA SER B 268 4.93 -29.25 9.06
C SER B 268 5.05 -30.79 9.09
N GLU B 269 3.95 -31.51 9.32
CA GLU B 269 4.14 -32.98 9.29
C GLU B 269 4.50 -33.41 7.88
N ASN B 270 3.86 -32.81 6.85
CA ASN B 270 4.24 -33.34 5.52
C ASN B 270 5.70 -32.96 5.20
N ALA B 271 6.12 -31.77 5.64
CA ALA B 271 7.48 -31.33 5.31
C ALA B 271 8.60 -32.17 5.94
N MET B 272 8.38 -32.60 7.18
CA MET B 272 9.34 -33.50 7.83
C MET B 272 9.43 -34.77 7.00
N LYS B 273 8.28 -35.38 6.61
CA LYS B 273 8.40 -36.56 5.75
C LYS B 273 9.14 -36.28 4.47
N VAL B 274 8.78 -35.17 3.76
CA VAL B 274 9.42 -34.93 2.49
C VAL B 274 10.89 -34.62 2.62
N ALA B 275 11.29 -33.88 3.68
CA ALA B 275 12.70 -33.47 3.74
C ALA B 275 13.60 -34.73 3.99
N GLU B 276 13.03 -35.56 4.85
CA GLU B 276 13.73 -36.82 5.15
C GLU B 276 13.80 -37.64 3.89
N TYR B 277 12.85 -37.76 3.02
CA TYR B 277 12.87 -38.52 1.84
C TYR B 277 13.97 -37.92 0.91
N LEU B 278 14.07 -36.61 0.92
CA LEU B 278 14.88 -35.97 -0.07
C LEU B 278 16.34 -36.25 0.33
N LYS B 279 16.61 -36.07 1.60
CA LYS B 279 17.87 -36.25 2.18
C LYS B 279 18.41 -37.66 1.88
N SER B 280 17.63 -38.67 1.64
CA SER B 280 18.01 -40.02 1.36
C SER B 280 18.20 -40.25 -0.11
N HIS B 281 17.80 -39.34 -1.01
CA HIS B 281 17.89 -39.69 -2.43
C HIS B 281 19.27 -39.43 -2.95
N PRO B 282 19.78 -40.33 -3.82
CA PRO B 282 21.14 -40.30 -4.34
C PRO B 282 21.53 -39.11 -5.24
N ALA B 283 20.58 -38.51 -5.94
CA ALA B 283 20.79 -37.31 -6.72
C ALA B 283 20.89 -36.07 -5.81
N VAL B 284 20.33 -36.13 -4.59
CA VAL B 284 20.37 -34.99 -3.70
C VAL B 284 21.67 -34.90 -2.92
N GLU B 285 22.23 -33.73 -2.77
CA GLU B 285 23.49 -33.52 -2.08
C GLU B 285 23.38 -33.07 -0.63
N LYS B 286 22.53 -32.11 -0.41
CA LYS B 286 22.39 -31.42 0.87
C LYS B 286 20.92 -30.94 1.01
N VAL B 287 20.37 -31.14 2.24
CA VAL B 287 19.05 -30.72 2.58
C VAL B 287 19.02 -29.85 3.82
N TYR B 288 18.43 -28.69 3.85
CA TYR B 288 18.34 -27.84 4.96
C TYR B 288 16.89 -27.90 5.52
N TYR B 289 16.69 -28.15 6.79
CA TYR B 289 15.38 -28.28 7.39
C TYR B 289 15.66 -28.08 8.85
N PRO B 290 15.06 -27.14 9.58
CA PRO B 290 15.34 -26.82 10.94
C PRO B 290 15.14 -27.99 11.88
N GLY B 291 14.31 -28.97 11.51
CA GLY B 291 14.07 -30.13 12.37
C GLY B 291 15.26 -31.10 12.29
N PHE B 292 16.11 -31.11 11.23
CA PHE B 292 17.29 -31.99 11.26
C PHE B 292 18.05 -31.69 12.57
N GLU B 293 18.46 -32.70 13.33
CA GLU B 293 19.44 -32.55 14.36
C GLU B 293 20.73 -31.99 13.77
N ASP B 294 21.22 -32.28 12.60
CA ASP B 294 22.48 -31.65 12.21
C ASP B 294 22.19 -30.24 11.67
N HIS B 295 20.99 -29.67 11.74
CA HIS B 295 20.87 -28.28 11.21
C HIS B 295 21.71 -27.34 12.05
N GLU B 296 22.36 -26.33 11.45
CA GLU B 296 23.05 -25.40 12.37
C GLU B 296 22.02 -24.60 13.16
N GLY B 297 22.16 -24.48 14.46
CA GLY B 297 21.15 -23.77 15.27
C GLY B 297 19.95 -24.63 15.54
N HIS B 298 20.05 -25.98 15.36
CA HIS B 298 18.86 -26.79 15.69
C HIS B 298 18.24 -26.56 17.05
N ASP B 299 19.12 -26.57 18.02
CA ASP B 299 18.77 -26.45 19.42
C ASP B 299 18.13 -25.07 19.71
N ILE B 300 18.58 -24.06 19.07
CA ILE B 300 17.90 -22.75 19.21
C ILE B 300 16.53 -22.79 18.44
N ALA B 301 16.52 -23.49 17.29
CA ALA B 301 15.27 -23.62 16.57
C ALA B 301 14.25 -24.36 17.43
N LYS B 302 14.73 -25.35 18.17
CA LYS B 302 13.78 -26.11 19.01
C LYS B 302 13.27 -25.28 20.13
N LYS B 303 14.12 -24.44 20.65
CA LYS B 303 13.51 -23.58 21.74
C LYS B 303 12.59 -22.57 21.10
N GLN B 304 12.81 -22.15 19.82
CA GLN B 304 11.94 -21.00 19.37
C GLN B 304 10.71 -21.42 18.61
N MET B 305 10.79 -22.58 18.02
CA MET B 305 9.75 -23.15 17.18
C MET B 305 9.02 -24.39 17.74
N ARG B 306 7.70 -24.23 17.80
CA ARG B 306 6.76 -25.22 18.28
C ARG B 306 6.65 -26.42 17.39
N MET B 307 6.80 -26.20 16.05
CA MET B 307 6.80 -27.15 14.96
C MET B 307 7.94 -26.75 13.97
N TYR B 308 8.50 -27.60 13.15
CA TYR B 308 9.64 -27.08 12.45
C TYR B 308 9.41 -26.46 11.07
N GLY B 309 8.15 -26.18 10.77
CA GLY B 309 7.75 -25.48 9.58
C GLY B 309 7.64 -26.34 8.35
N SER B 310 7.28 -25.70 7.22
CA SER B 310 7.07 -26.41 5.96
C SER B 310 8.07 -25.95 4.89
N MET B 311 9.04 -25.11 5.33
CA MET B 311 10.01 -24.72 4.32
C MET B 311 11.12 -25.77 4.34
N ILE B 312 11.62 -26.08 3.16
CA ILE B 312 12.78 -26.98 3.03
C ILE B 312 13.63 -26.31 1.99
N THR B 313 14.94 -26.35 2.04
CA THR B 313 15.84 -25.89 0.96
C THR B 313 16.84 -26.98 0.70
N PHE B 314 17.09 -27.30 -0.56
CA PHE B 314 18.02 -28.43 -0.81
C PHE B 314 18.81 -28.17 -2.07
N ILE B 315 19.91 -28.88 -2.20
CA ILE B 315 20.86 -28.72 -3.30
C ILE B 315 21.07 -30.05 -3.98
N LEU B 316 21.02 -30.11 -5.27
CA LEU B 316 21.26 -31.35 -5.96
C LEU B 316 22.76 -31.42 -6.34
N LYS B 317 23.28 -32.67 -6.43
CA LYS B 317 24.63 -32.90 -6.89
C LYS B 317 24.76 -32.45 -8.34
N SER B 318 23.80 -32.41 -9.21
CA SER B 318 23.83 -31.78 -10.50
C SER B 318 23.66 -30.25 -10.54
N GLY B 319 23.71 -29.56 -9.42
CA GLY B 319 23.85 -28.13 -9.46
C GLY B 319 22.61 -27.51 -10.13
N PHE B 320 22.90 -26.38 -10.72
CA PHE B 320 21.90 -25.59 -11.37
C PHE B 320 21.22 -26.21 -12.57
N GLU B 321 21.89 -26.97 -13.41
CA GLU B 321 21.18 -27.55 -14.51
C GLU B 321 20.33 -28.69 -13.92
N GLY B 322 20.89 -29.40 -12.88
CA GLY B 322 20.02 -30.43 -12.34
C GLY B 322 18.72 -29.81 -11.77
N ALA B 323 18.91 -28.67 -11.09
CA ALA B 323 17.76 -27.99 -10.52
C ALA B 323 16.71 -27.71 -11.62
N LYS B 324 17.13 -27.23 -12.80
CA LYS B 324 16.16 -26.86 -13.79
C LYS B 324 15.45 -28.09 -14.29
N LYS B 325 16.21 -29.18 -14.39
CA LYS B 325 15.49 -30.34 -14.82
C LYS B 325 14.51 -30.92 -13.82
N LEU B 326 14.95 -31.05 -12.60
CA LEU B 326 13.98 -31.52 -11.63
C LEU B 326 12.72 -30.68 -11.76
N LEU B 327 12.89 -29.36 -11.51
CA LEU B 327 11.80 -28.42 -11.52
C LEU B 327 10.91 -28.43 -12.74
N ASP B 328 11.42 -28.45 -13.93
CA ASP B 328 10.59 -28.51 -15.10
C ASP B 328 9.82 -29.84 -15.21
N ASN B 329 10.29 -30.91 -14.63
CA ASN B 329 9.59 -32.18 -14.72
C ASN B 329 8.64 -32.47 -13.53
N LEU B 330 8.58 -31.57 -12.51
CA LEU B 330 7.69 -31.99 -11.45
C LEU B 330 6.25 -31.92 -11.93
N LYS B 331 5.38 -32.74 -11.41
CA LYS B 331 4.01 -32.75 -11.84
C LYS B 331 3.02 -32.36 -10.78
N LEU B 332 3.35 -32.52 -9.55
CA LEU B 332 2.30 -32.17 -8.54
C LEU B 332 2.72 -30.89 -7.84
N ILE B 333 4.04 -30.77 -7.65
CA ILE B 333 4.59 -29.57 -6.99
C ILE B 333 4.47 -28.38 -7.95
N THR B 334 4.25 -27.15 -7.54
CA THR B 334 3.89 -26.13 -8.58
C THR B 334 5.12 -25.30 -8.79
N LEU B 335 5.52 -24.98 -9.99
CA LEU B 335 6.62 -24.02 -10.13
C LEU B 335 6.13 -22.58 -10.01
N ALA B 336 6.51 -21.85 -8.96
CA ALA B 336 6.10 -20.44 -8.82
C ALA B 336 6.78 -19.73 -7.70
N VAL B 337 6.79 -18.41 -7.56
CA VAL B 337 7.35 -17.95 -6.24
C VAL B 337 6.21 -17.94 -5.30
N SER B 338 6.53 -17.50 -4.10
CA SER B 338 5.73 -17.36 -2.94
C SER B 338 5.80 -18.75 -2.25
N LEU B 339 5.06 -18.80 -1.13
CA LEU B 339 5.15 -20.01 -0.31
C LEU B 339 4.00 -19.95 0.67
N GLY B 340 3.89 -20.95 1.56
CA GLY B 340 2.85 -20.99 2.56
C GLY B 340 1.49 -21.31 2.00
N GLY B 341 1.13 -21.74 0.84
CA GLY B 341 -0.24 -22.03 0.54
C GLY B 341 -0.57 -23.49 0.86
N CYS B 342 -1.81 -23.90 0.58
CA CYS B 342 -2.27 -25.29 0.71
C CYS B 342 -1.54 -26.16 -0.29
N GLU B 343 -1.24 -25.65 -1.46
CA GLU B 343 -0.51 -26.43 -2.46
C GLU B 343 1.00 -26.16 -2.28
N SER B 344 1.77 -27.17 -2.57
CA SER B 344 3.20 -27.19 -2.56
C SER B 344 3.78 -26.33 -3.75
N LEU B 345 4.69 -25.47 -3.41
CA LEU B 345 5.36 -24.62 -4.40
C LEU B 345 6.87 -24.77 -4.28
N ILE B 346 7.52 -24.56 -5.40
CA ILE B 346 8.97 -24.70 -5.51
C ILE B 346 9.60 -23.71 -6.46
N GLN B 347 10.83 -23.23 -6.27
CA GLN B 347 11.43 -22.19 -7.09
C GLN B 347 12.96 -22.27 -6.88
N HIS B 348 13.72 -21.50 -7.60
CA HIS B 348 15.20 -21.40 -7.61
C HIS B 348 15.60 -20.03 -7.16
N PRO B 349 16.03 -19.85 -5.95
CA PRO B 349 16.11 -18.48 -5.42
C PRO B 349 17.08 -17.55 -6.13
N ALA B 350 18.14 -18.09 -6.73
CA ALA B 350 19.07 -17.10 -7.38
C ALA B 350 18.48 -16.66 -8.73
N SER B 351 17.54 -17.44 -9.36
CA SER B 351 17.13 -16.76 -10.62
C SER B 351 15.75 -16.08 -10.48
N MET B 352 15.21 -16.35 -9.30
CA MET B 352 13.85 -15.88 -9.09
C MET B 352 13.78 -15.01 -7.86
N THR B 353 13.37 -15.39 -6.66
CA THR B 353 13.25 -14.45 -5.54
C THR B 353 14.51 -13.66 -5.14
N HIS B 354 15.74 -14.19 -5.27
CA HIS B 354 16.93 -13.45 -4.80
C HIS B 354 17.86 -12.93 -5.90
N ALA B 355 17.34 -13.09 -7.12
CA ALA B 355 18.03 -12.55 -8.29
C ALA B 355 18.36 -11.01 -8.16
N VAL B 356 17.40 -10.21 -7.62
CA VAL B 356 17.59 -8.80 -7.34
C VAL B 356 18.83 -8.52 -6.44
N VAL B 357 19.19 -9.43 -5.54
CA VAL B 357 20.43 -9.27 -4.79
C VAL B 357 21.64 -9.81 -5.59
N PRO B 358 22.66 -8.93 -5.67
CA PRO B 358 23.90 -9.24 -6.42
C PRO B 358 24.57 -10.52 -5.92
N LYS B 359 25.04 -11.35 -6.86
CA LYS B 359 25.53 -12.68 -6.57
C LYS B 359 26.38 -12.64 -5.30
N GLU B 360 27.43 -11.86 -5.25
CA GLU B 360 28.33 -11.74 -4.16
C GLU B 360 27.67 -11.69 -2.79
N GLU B 361 26.66 -10.79 -2.78
CA GLU B 361 25.85 -10.54 -1.61
C GLU B 361 24.98 -11.78 -1.34
N ARG B 362 24.50 -12.43 -2.39
CA ARG B 362 23.83 -13.72 -2.11
C ARG B 362 24.69 -14.73 -1.36
N GLU B 363 25.83 -14.98 -2.06
CA GLU B 363 26.74 -16.00 -1.57
C GLU B 363 27.44 -15.59 -0.30
N ALA B 364 27.55 -14.28 -0.05
CA ALA B 364 28.18 -13.95 1.24
C ALA B 364 27.19 -14.46 2.28
N ALA B 365 25.90 -14.34 1.98
CA ALA B 365 24.88 -14.86 2.93
C ALA B 365 24.72 -16.36 2.92
N GLY B 366 25.27 -17.12 1.99
CA GLY B 366 24.98 -18.54 1.89
C GLY B 366 23.94 -18.83 0.80
N ILE B 367 23.63 -17.87 -0.09
CA ILE B 367 22.67 -18.30 -1.15
C ILE B 367 23.37 -18.86 -2.31
N THR B 368 23.21 -20.11 -2.65
CA THR B 368 23.95 -20.68 -3.77
C THR B 368 23.08 -20.82 -4.98
N ASP B 369 23.71 -21.02 -6.08
CA ASP B 369 23.14 -21.16 -7.40
C ASP B 369 22.56 -22.55 -7.57
N GLY B 370 22.83 -23.44 -6.62
CA GLY B 370 22.14 -24.76 -6.83
C GLY B 370 20.94 -24.84 -5.85
N MET B 371 20.75 -23.90 -4.90
CA MET B 371 19.70 -24.10 -3.92
C MET B 371 18.34 -24.21 -4.64
N ILE B 372 17.46 -24.99 -4.08
CA ILE B 372 16.06 -25.12 -4.46
C ILE B 372 15.23 -24.90 -3.21
N ARG B 373 14.19 -24.07 -3.35
CA ARG B 373 13.41 -23.76 -2.14
C ARG B 373 12.01 -24.24 -2.27
N LEU B 374 11.53 -25.06 -1.36
CA LEU B 374 10.25 -25.82 -1.45
C LEU B 374 9.40 -25.36 -0.23
N SER B 375 8.12 -25.19 -0.37
CA SER B 375 7.14 -24.82 0.69
C SER B 375 6.00 -25.85 0.60
N VAL B 376 6.03 -26.79 1.56
CA VAL B 376 5.22 -28.03 1.44
C VAL B 376 3.77 -27.69 1.88
N GLY B 377 2.84 -28.01 1.04
CA GLY B 377 1.41 -27.90 1.24
C GLY B 377 0.78 -29.13 1.97
N ILE B 378 -0.48 -29.35 1.81
CA ILE B 378 -1.25 -30.37 2.53
C ILE B 378 -1.72 -31.49 1.63
N GLU B 379 -1.08 -31.69 0.53
CA GLU B 379 -1.32 -32.85 -0.30
C GLU B 379 -0.89 -34.14 0.51
N ASP B 380 -1.29 -35.28 -0.07
CA ASP B 380 -0.95 -36.54 0.57
C ASP B 380 0.56 -36.69 0.57
N ALA B 381 1.27 -36.90 1.65
CA ALA B 381 2.74 -36.96 1.59
C ALA B 381 3.33 -37.97 0.63
N ASP B 382 2.70 -39.14 0.47
CA ASP B 382 3.26 -40.16 -0.46
C ASP B 382 3.18 -39.69 -1.89
N GLU B 383 2.06 -39.04 -2.24
CA GLU B 383 2.10 -38.51 -3.62
C GLU B 383 3.18 -37.43 -3.81
N LEU B 384 3.33 -36.62 -2.74
CA LEU B 384 4.45 -35.65 -2.87
C LEU B 384 5.73 -36.39 -3.04
N ILE B 385 6.05 -37.39 -2.20
CA ILE B 385 7.36 -38.04 -2.38
C ILE B 385 7.48 -38.65 -3.76
N ALA B 386 6.41 -39.14 -4.32
CA ALA B 386 6.43 -39.82 -5.55
C ALA B 386 6.67 -38.76 -6.63
N ASP B 387 6.10 -37.53 -6.51
CA ASP B 387 6.44 -36.65 -7.61
C ASP B 387 7.98 -36.44 -7.59
N PHE B 388 8.55 -36.21 -6.45
CA PHE B 388 10.00 -36.03 -6.36
C PHE B 388 10.78 -37.29 -6.81
N LYS B 389 10.31 -38.49 -6.40
CA LYS B 389 11.04 -39.65 -6.89
C LYS B 389 11.21 -39.74 -8.44
N GLN B 390 10.11 -39.51 -9.13
CA GLN B 390 10.10 -39.58 -10.57
C GLN B 390 11.00 -38.44 -11.09
N GLY B 391 11.00 -37.25 -10.48
CA GLY B 391 11.80 -36.19 -11.08
C GLY B 391 13.26 -36.53 -10.72
N LEU B 392 13.54 -36.95 -9.53
CA LEU B 392 14.88 -37.17 -9.07
C LEU B 392 15.44 -38.42 -9.77
N ASP B 393 14.68 -39.49 -9.97
CA ASP B 393 15.25 -40.67 -10.63
C ASP B 393 15.74 -40.27 -11.99
N ALA B 394 15.12 -39.34 -12.70
CA ALA B 394 15.50 -38.94 -14.04
C ALA B 394 16.87 -38.26 -14.19
N LEU B 395 17.49 -37.82 -13.09
CA LEU B 395 18.76 -37.19 -13.04
C LEU B 395 19.80 -38.28 -12.79
N LEU B 396 19.39 -39.44 -12.29
CA LEU B 396 20.36 -40.49 -12.00
C LEU B 396 20.49 -41.52 -13.10
N1 PLP C . -5.21 13.48 -3.50
C2 PLP C . -6.18 14.39 -3.20
C2A PLP C . -6.62 15.62 -3.94
C3 PLP C . -7.14 13.78 -2.34
O3 PLP C . -8.23 14.56 -2.08
C4 PLP C . -6.92 12.64 -1.60
C4A PLP C . -8.00 12.48 -0.46
C5 PLP C . -5.67 12.11 -1.65
C6 PLP C . -4.77 12.58 -2.60
C5A PLP C . -5.31 10.85 -0.91
O4P PLP C . -6.02 9.69 -1.54
P PLP C . -6.32 8.43 -0.63
O1P PLP C . -7.30 8.97 0.35
O2P PLP C . -6.90 7.51 -1.61
O3P PLP C . -5.04 7.92 0.06
S SO4 D . -10.71 13.99 1.56
O1 SO4 D . -12.12 13.95 1.83
O2 SO4 D . -10.12 14.30 2.95
O3 SO4 D . -10.16 15.10 0.70
O4 SO4 D . -9.95 12.70 1.26
S SO4 E . -18.37 28.79 -19.91
O1 SO4 E . -19.77 28.31 -19.99
O2 SO4 E . -18.01 29.14 -18.51
O3 SO4 E . -18.21 30.09 -20.68
O4 SO4 E . -17.46 27.68 -20.38
S SO4 F . -19.14 37.34 -5.00
O1 SO4 F . -20.13 38.17 -5.81
O2 SO4 F . -19.61 37.00 -3.62
O3 SO4 F . -17.89 38.13 -4.80
O4 SO4 F . -18.83 36.14 -5.85
C1 GOL G . 0.29 -3.09 -7.28
O1 GOL G . -0.29 -1.82 -6.87
C2 GOL G . 0.26 -3.28 -8.83
O2 GOL G . 0.38 -4.67 -9.24
C3 GOL G . 1.54 -2.63 -9.46
O3 GOL G . 2.50 -3.58 -8.91
N1 PLP H . 9.03 -11.32 4.20
C2 PLP H . 9.22 -12.60 3.94
C2A PLP H . 10.11 -13.40 4.85
C3 PLP H . 8.80 -13.00 2.66
O3 PLP H . 9.30 -14.22 2.22
C4 PLP H . 8.21 -12.11 1.77
C4A PLP H . 8.20 -12.52 0.25
C5 PLP H . 7.92 -10.85 2.17
C6 PLP H . 8.36 -10.46 3.43
C5A PLP H . 7.31 -9.75 1.33
O4P PLP H . 5.87 -9.85 1.61
P PLP H . 4.95 -9.50 0.30
O1P PLP H . 5.46 -10.30 -0.81
O2P PLP H . 3.57 -9.69 0.82
O3P PLP H . 5.18 -7.99 0.10
S SO4 I . 8.93 -15.37 -2.08
O1 SO4 I . 7.89 -14.78 -1.15
O2 SO4 I . 10.16 -15.51 -1.25
O3 SO4 I . 8.93 -14.22 -3.12
O4 SO4 I . 8.60 -16.62 -2.77
S SO4 J . 14.83 0.77 26.55
O1 SO4 J . 13.49 0.75 27.26
O2 SO4 J . 15.80 1.31 27.60
O3 SO4 J . 14.79 1.70 25.37
O4 SO4 J . 15.23 -0.60 26.18
S SO4 K . 18.06 -35.68 11.16
O1 SO4 K . 16.77 -35.62 11.96
O2 SO4 K . 18.91 -34.76 12.02
O3 SO4 K . 17.92 -35.27 9.74
O4 SO4 K . 18.66 -37.06 11.05
#